data_6AM5
#
_entry.id   6AM5
#
_cell.length_a   228.106
_cell.length_b   49.900
_cell.length_c   92.455
_cell.angle_alpha   90.00
_cell.angle_beta   95.72
_cell.angle_gamma   90.00
#
_symmetry.space_group_name_H-M   'C 1 2 1'
#
loop_
_entity.id
_entity.type
_entity.pdbx_description
1 polymer 'HLA class I histocompatibility antigen, A-2 alpha chain'
2 polymer Beta-2-microglobulin
3 polymer SER-MET-LEU-GLY-ILE-GLY-ILE-VAL-PRO-VAL
4 polymer 'DMF5 TCR alpha chain'
5 polymer 'DMF5 TCR beta chain'
6 water water
#
loop_
_entity_poly.entity_id
_entity_poly.type
_entity_poly.pdbx_seq_one_letter_code
_entity_poly.pdbx_strand_id
1 'polypeptide(L)'
;GSHSMRYFFTSVSRPGRGEPRFIAVGYVDDTQFVRFDSDAASQRMEPRAPWIEQEGPEYWDGETRKVKAHSQTHRVDLGT
LRGYYNQSEAGSHTVQRMYGCDVGSDWRFLRGYHQYAYDGKDYIALKEDLRSWTAADMAAQTTKHKWEAAHVAEQLRAYL
EGTCVEWLRRYLENGKETLQRTDAPKTHMTHHAVSDHEATLRCWALSFYPAEITLTWQRDGEDQTQDTELVETRPAGDGT
FQKWAAVVVPSGQEQRYTCHVQHEGLPKPLTLRWE
;
A
2 'polypeptide(L)'
;MIQRTPKIQVYSRHPAENGKSNFLNCYVSGFHPSDIEVDLLKNGERIEKVEHSDLSFSKDWSFYLLYYTEFTPTEKDEYA
CRVNHVTLSQPKIVKWDRDM
;
B
3 'polypeptide(L)' SMLGIGIVPV C
4 'polypeptide(L)'
;KEVEQNSGPLSVPEGAIASLNCTYSDRGSQSFFWYRQYSGKSPELIMFIYSNGDKEDGRFTAQLNKASQYVSLLIRDSQP
SDSATYLCAVNFGGGKLIFGQGTELSVKPNIQNPDPAVYALRDSKSSDKSVCLFTDFDSQTNVSQSKDSDVYITDKCVLD
MRSMDFKSNSAVAWSNKDFACANAFNNSI
;
D
5 'polypeptide(L)'
;IAGITQAPTSQILAAGRRMTLRCTQDMRHNAMYWYRQDLGLGLRLIHYSNTAGTTGKGEVPDGYSVSRANTDDFPLTLAS
AVPSQTSVYFCASSLSFGTEAFFGQGTRLTVVEDLNKVFPPEVAVFEPSEAEISHTQKATLVCLATGFYPDHVELSWWVN
GKEVHSGVCTDPQPLKEQPALNDSRYALSSRLRVSATFWQDPRNHFRCQVQFYGLSEADAWAAARAAPVTQIVSAEAWGR
AD
;
E
#
# COMPACT_ATOMS: atom_id res chain seq x y z
N GLY A 1 -16.44 -30.19 2.12
CA GLY A 1 -17.52 -29.39 2.68
C GLY A 1 -17.14 -27.94 2.91
N SER A 2 -17.22 -27.49 4.16
CA SER A 2 -16.86 -26.14 4.51
C SER A 2 -15.36 -26.01 4.72
N HIS A 3 -14.82 -24.86 4.34
CA HIS A 3 -13.38 -24.62 4.39
C HIS A 3 -13.09 -23.29 5.07
N SER A 4 -11.81 -23.03 5.30
CA SER A 4 -11.38 -21.81 5.98
C SER A 4 -9.93 -21.52 5.60
N MET A 5 -9.57 -20.24 5.71
CA MET A 5 -8.19 -19.80 5.57
C MET A 5 -7.87 -18.88 6.74
N ARG A 6 -6.70 -19.08 7.36
CA ARG A 6 -6.32 -18.31 8.53
C ARG A 6 -4.83 -18.02 8.50
N TYR A 7 -4.47 -16.82 8.98
CA TYR A 7 -3.08 -16.42 9.15
C TYR A 7 -2.81 -16.21 10.64
N PHE A 8 -1.70 -16.75 11.13
CA PHE A 8 -1.32 -16.66 12.53
C PHE A 8 0.01 -15.90 12.64
N PHE A 9 0.02 -14.86 13.45
CA PHE A 9 1.21 -14.01 13.63
C PHE A 9 1.62 -14.03 15.09
N THR A 10 2.91 -14.21 15.34
CA THR A 10 3.47 -14.22 16.69
C THR A 10 4.70 -13.33 16.72
N SER A 11 4.71 -12.36 17.63
CA SER A 11 5.86 -11.48 17.84
C SER A 11 6.26 -11.53 19.30
N VAL A 12 7.54 -11.80 19.55
CA VAL A 12 8.06 -11.96 20.90
C VAL A 12 9.24 -11.01 21.06
N SER A 13 9.17 -10.14 22.06
CA SER A 13 10.30 -9.29 22.40
C SER A 13 11.31 -10.10 23.21
N ARG A 14 12.60 -9.81 22.98
CA ARG A 14 13.70 -10.52 23.64
C ARG A 14 14.71 -9.48 24.14
N PRO A 15 14.39 -8.80 25.24
CA PRO A 15 15.28 -7.71 25.70
C PRO A 15 16.68 -8.17 26.07
N GLY A 16 16.79 -9.21 26.90
CA GLY A 16 18.08 -9.71 27.31
C GLY A 16 18.81 -10.56 26.30
N ARG A 17 18.27 -10.71 25.09
CA ARG A 17 18.87 -11.54 24.07
C ARG A 17 19.13 -10.81 22.76
N GLY A 18 18.22 -9.94 22.33
CA GLY A 18 18.44 -9.20 21.10
C GLY A 18 17.20 -8.54 20.53
N GLU A 19 17.01 -8.68 19.22
CA GLU A 19 15.90 -8.08 18.51
C GLU A 19 14.68 -9.01 18.54
N PRO A 20 13.48 -8.46 18.39
CA PRO A 20 12.27 -9.30 18.48
C PRO A 20 12.22 -10.36 17.40
N ARG A 21 11.54 -11.45 17.70
CA ARG A 21 11.30 -12.51 16.75
C ARG A 21 9.88 -12.41 16.20
N PHE A 22 9.72 -12.72 14.92
CA PHE A 22 8.43 -12.64 14.25
C PHE A 22 8.23 -13.91 13.43
N ILE A 23 7.14 -14.62 13.68
CA ILE A 23 6.79 -15.83 12.95
C ILE A 23 5.37 -15.68 12.42
N ALA A 24 5.19 -15.92 11.13
CA ALA A 24 3.89 -15.88 10.49
C ALA A 24 3.66 -17.17 9.72
N VAL A 25 2.44 -17.70 9.82
CA VAL A 25 2.06 -18.92 9.09
C VAL A 25 0.65 -18.73 8.54
N GLY A 26 0.41 -19.32 7.38
CA GLY A 26 -0.90 -19.30 6.75
C GLY A 26 -1.42 -20.71 6.58
N TYR A 27 -2.71 -20.89 6.82
CA TYR A 27 -3.35 -22.19 6.76
C TYR A 27 -4.56 -22.16 5.84
N VAL A 28 -4.76 -23.25 5.10
CA VAL A 28 -6.02 -23.54 4.44
C VAL A 28 -6.54 -24.83 5.08
N ASP A 29 -7.62 -24.72 5.84
CA ASP A 29 -8.14 -25.81 6.67
C ASP A 29 -7.03 -26.20 7.64
N ASP A 30 -6.56 -27.44 7.64
CA ASP A 30 -5.49 -27.88 8.54
C ASP A 30 -4.16 -28.03 7.82
N THR A 31 -3.98 -27.36 6.69
CA THR A 31 -2.77 -27.49 5.88
C THR A 31 -2.07 -26.15 5.78
N GLN A 32 -0.87 -26.05 6.36
CA GLN A 32 -0.06 -24.85 6.22
C GLN A 32 0.52 -24.77 4.81
N PHE A 33 0.56 -23.55 4.26
CA PHE A 33 1.05 -23.36 2.90
C PHE A 33 2.07 -22.25 2.74
N VAL A 34 2.20 -21.33 3.70
CA VAL A 34 3.21 -20.27 3.65
C VAL A 34 3.75 -20.04 5.05
N ARG A 35 4.90 -19.37 5.13
CA ARG A 35 5.53 -19.08 6.41
C ARG A 35 6.52 -17.96 6.25
N PHE A 36 6.84 -17.32 7.38
CA PHE A 36 7.90 -16.31 7.45
C PHE A 36 8.51 -16.39 8.83
N ASP A 37 9.84 -16.45 8.89
CA ASP A 37 10.58 -16.51 10.14
C ASP A 37 11.64 -15.41 10.12
N SER A 38 11.53 -14.47 11.06
CA SER A 38 12.47 -13.35 11.10
C SER A 38 13.89 -13.79 11.43
N ASP A 39 14.06 -14.95 12.07
CA ASP A 39 15.39 -15.46 12.37
C ASP A 39 16.01 -16.22 11.20
N ALA A 40 15.21 -16.59 10.20
CA ALA A 40 15.75 -17.27 9.04
C ALA A 40 16.52 -16.27 8.16
N ALA A 41 17.28 -16.81 7.21
CA ALA A 41 18.20 -16.00 6.42
C ALA A 41 17.55 -15.43 5.16
N SER A 42 16.52 -16.08 4.62
CA SER A 42 15.95 -15.64 3.36
C SER A 42 15.25 -14.30 3.48
N GLN A 43 14.61 -14.04 4.62
CA GLN A 43 13.83 -12.82 4.83
C GLN A 43 12.73 -12.67 3.77
N ARG A 44 12.16 -13.80 3.37
CA ARG A 44 11.13 -13.85 2.35
C ARG A 44 9.97 -14.71 2.82
N MET A 45 8.80 -14.49 2.23
CA MET A 45 7.70 -15.43 2.41
C MET A 45 8.00 -16.71 1.68
N GLU A 46 7.89 -17.84 2.37
CA GLU A 46 8.34 -19.09 1.80
C GLU A 46 7.17 -20.07 1.62
N PRO A 47 7.18 -20.86 0.55
CA PRO A 47 6.11 -21.85 0.36
C PRO A 47 6.27 -23.04 1.29
N ARG A 48 5.13 -23.62 1.67
CA ARG A 48 5.10 -24.79 2.52
C ARG A 48 4.14 -25.86 2.01
N ALA A 49 3.58 -25.67 0.82
CA ALA A 49 2.69 -26.62 0.16
C ALA A 49 2.97 -26.58 -1.33
N PRO A 50 2.86 -27.72 -2.02
CA PRO A 50 3.22 -27.74 -3.44
C PRO A 50 2.33 -26.88 -4.32
N TRP A 51 1.05 -26.73 -3.98
CA TRP A 51 0.12 -25.99 -4.84
C TRP A 51 0.28 -24.48 -4.76
N ILE A 52 1.06 -23.96 -3.80
CA ILE A 52 1.29 -22.52 -3.71
C ILE A 52 2.54 -22.09 -4.48
N GLU A 53 3.40 -23.03 -4.88
CA GLU A 53 4.62 -22.68 -5.57
C GLU A 53 4.37 -22.12 -6.97
N GLN A 54 3.18 -22.35 -7.53
CA GLN A 54 2.89 -21.86 -8.87
C GLN A 54 2.61 -20.36 -8.91
N GLU A 55 2.46 -19.71 -7.76
CA GLU A 55 2.23 -18.27 -7.75
C GLU A 55 3.46 -17.52 -8.25
N GLY A 56 3.22 -16.45 -9.01
CA GLY A 56 4.29 -15.72 -9.63
C GLY A 56 5.05 -14.85 -8.67
N PRO A 57 6.06 -14.15 -9.20
CA PRO A 57 6.88 -13.28 -8.35
C PRO A 57 6.11 -12.13 -7.70
N GLU A 58 5.08 -11.62 -8.37
CA GLU A 58 4.27 -10.55 -7.78
C GLU A 58 3.57 -11.02 -6.51
N TYR A 59 3.24 -12.31 -6.43
CA TYR A 59 2.67 -12.85 -5.21
C TYR A 59 3.71 -12.88 -4.09
N TRP A 60 4.86 -13.49 -4.36
CA TRP A 60 5.87 -13.64 -3.33
C TRP A 60 6.51 -12.32 -2.94
N ASP A 61 6.62 -11.38 -3.88
CA ASP A 61 7.09 -10.04 -3.52
C ASP A 61 6.03 -9.28 -2.72
N GLY A 62 4.76 -9.48 -3.08
CA GLY A 62 3.68 -8.78 -2.38
C GLY A 62 3.46 -9.31 -0.98
N GLU A 63 3.44 -10.64 -0.83
CA GLU A 63 3.26 -11.22 0.50
C GLU A 63 4.44 -10.89 1.41
N THR A 64 5.65 -10.82 0.83
CA THR A 64 6.82 -10.51 1.64
C THR A 64 6.78 -9.08 2.16
N ARG A 65 6.41 -8.12 1.30
CA ARG A 65 6.28 -6.74 1.76
C ARG A 65 5.19 -6.60 2.81
N LYS A 66 4.09 -7.34 2.66
CA LYS A 66 3.00 -7.25 3.62
C LYS A 66 3.36 -7.93 4.92
N VAL A 67 4.04 -9.09 4.86
CA VAL A 67 4.41 -9.77 6.10
C VAL A 67 5.49 -8.99 6.85
N LYS A 68 6.33 -8.27 6.12
CA LYS A 68 7.27 -7.37 6.79
C LYS A 68 6.54 -6.19 7.40
N ALA A 69 5.49 -5.71 6.73
CA ALA A 69 4.68 -4.62 7.29
C ALA A 69 3.96 -5.07 8.55
N HIS A 70 3.50 -6.32 8.59
CA HIS A 70 2.93 -6.88 9.82
C HIS A 70 3.97 -6.87 10.95
N SER A 71 5.17 -7.38 10.66
CA SER A 71 6.21 -7.47 11.68
C SER A 71 6.61 -6.10 12.19
N GLN A 72 6.76 -5.13 11.28
CA GLN A 72 7.09 -3.77 11.69
C GLN A 72 5.98 -3.15 12.53
N THR A 73 4.72 -3.51 12.25
CA THR A 73 3.62 -3.00 13.06
C THR A 73 3.62 -3.64 14.45
N HIS A 74 3.82 -4.95 14.53
CA HIS A 74 3.90 -5.61 15.82
C HIS A 74 5.09 -5.11 16.63
N ARG A 75 6.18 -4.74 15.96
CA ARG A 75 7.34 -4.20 16.66
C ARG A 75 7.01 -2.89 17.36
N VAL A 76 6.15 -2.08 16.75
CA VAL A 76 5.68 -0.85 17.39
C VAL A 76 4.74 -1.19 18.54
N ASP A 77 3.90 -2.20 18.37
CA ASP A 77 2.94 -2.56 19.41
C ASP A 77 3.63 -3.02 20.69
N LEU A 78 4.75 -3.72 20.55
CA LEU A 78 5.47 -4.21 21.72
C LEU A 78 5.87 -3.06 22.64
N GLY A 79 6.40 -1.98 22.07
CA GLY A 79 6.75 -0.82 22.87
C GLY A 79 5.52 -0.11 23.41
N THR A 80 4.46 0.00 22.58
CA THR A 80 3.25 0.69 23.02
C THR A 80 2.57 -0.07 24.15
N LEU A 81 2.39 -1.38 23.98
CA LEU A 81 1.73 -2.18 25.01
C LEU A 81 2.54 -2.24 26.30
N ARG A 82 3.88 -2.17 26.19
CA ARG A 82 4.71 -2.12 27.38
C ARG A 82 4.46 -0.83 28.17
N GLY A 83 4.06 0.23 27.48
CA GLY A 83 3.71 1.48 28.14
C GLY A 83 2.30 1.47 28.68
N TYR A 84 1.37 0.87 27.92
CA TYR A 84 -0.02 0.79 28.35
C TYR A 84 -0.13 0.08 29.70
N TYR A 85 0.69 -0.93 29.94
CA TYR A 85 0.60 -1.76 31.14
C TYR A 85 1.73 -1.49 32.13
N ASN A 86 2.49 -0.42 31.95
CA ASN A 86 3.52 0.01 32.92
C ASN A 86 4.52 -1.11 33.19
N GLN A 87 4.89 -1.84 32.14
CA GLN A 87 5.80 -2.97 32.29
C GLN A 87 7.24 -2.54 32.05
N SER A 88 8.16 -3.24 32.71
CA SER A 88 9.57 -2.93 32.60
C SER A 88 10.10 -3.34 31.22
N GLU A 89 11.29 -2.85 30.90
CA GLU A 89 11.93 -3.11 29.62
C GLU A 89 12.73 -4.40 29.61
N ALA A 90 12.84 -5.08 30.75
CA ALA A 90 13.71 -6.25 30.88
C ALA A 90 12.97 -7.57 30.68
N GLY A 91 11.65 -7.56 30.56
CA GLY A 91 10.87 -8.77 30.42
C GLY A 91 10.45 -9.03 28.98
N SER A 92 10.27 -10.32 28.66
CA SER A 92 9.84 -10.74 27.33
C SER A 92 8.32 -10.80 27.27
N HIS A 93 7.76 -10.25 26.21
CA HIS A 93 6.31 -10.21 26.03
C HIS A 93 5.95 -10.64 24.62
N THR A 94 4.70 -11.05 24.44
CA THR A 94 4.26 -11.69 23.22
C THR A 94 3.05 -10.95 22.65
N VAL A 95 3.08 -10.71 21.33
CA VAL A 95 1.94 -10.20 20.59
C VAL A 95 1.50 -11.26 19.60
N GLN A 96 0.19 -11.56 19.58
CA GLN A 96 -0.35 -12.56 18.69
C GLN A 96 -1.54 -11.98 17.94
N ARG A 97 -1.61 -12.27 16.65
CA ARG A 97 -2.70 -11.82 15.79
C ARG A 97 -3.18 -12.97 14.93
N MET A 98 -4.50 -13.14 14.85
CA MET A 98 -5.12 -14.17 14.03
C MET A 98 -6.29 -13.55 13.27
N TYR A 99 -6.37 -13.85 11.99
CA TYR A 99 -7.52 -13.43 11.19
C TYR A 99 -7.72 -14.41 10.04
N GLY A 100 -8.92 -14.40 9.48
CA GLY A 100 -9.25 -15.28 8.39
C GLY A 100 -10.75 -15.33 8.19
N CYS A 101 -11.15 -16.19 7.26
CA CYS A 101 -12.55 -16.30 6.86
C CYS A 101 -12.95 -17.77 6.75
N ASP A 102 -14.23 -18.03 6.96
CA ASP A 102 -14.82 -19.34 6.76
C ASP A 102 -15.78 -19.30 5.57
N VAL A 103 -15.82 -20.41 4.83
CA VAL A 103 -16.77 -20.57 3.74
C VAL A 103 -17.50 -21.89 3.92
N GLY A 104 -18.69 -21.98 3.35
CA GLY A 104 -19.50 -23.17 3.42
C GLY A 104 -19.19 -24.15 2.31
N SER A 105 -20.08 -25.14 2.17
CA SER A 105 -19.93 -26.13 1.11
C SER A 105 -20.04 -25.51 -0.28
N ASP A 106 -20.70 -24.36 -0.39
CA ASP A 106 -20.80 -23.63 -1.65
C ASP A 106 -19.64 -22.66 -1.84
N TRP A 107 -18.66 -22.66 -0.94
CA TRP A 107 -17.49 -21.78 -1.00
C TRP A 107 -17.85 -20.31 -0.89
N ARG A 108 -19.01 -19.99 -0.31
CA ARG A 108 -19.41 -18.61 -0.09
C ARG A 108 -19.16 -18.19 1.35
N PHE A 109 -19.04 -16.88 1.54
CA PHE A 109 -18.65 -16.33 2.84
C PHE A 109 -19.61 -16.75 3.94
N LEU A 110 -19.04 -17.17 5.07
CA LEU A 110 -19.81 -17.53 6.26
C LEU A 110 -19.49 -16.64 7.45
N ARG A 111 -18.20 -16.43 7.73
CA ARG A 111 -17.79 -15.71 8.94
C ARG A 111 -16.36 -15.23 8.78
N GLY A 112 -16.08 -14.06 9.35
CA GLY A 112 -14.74 -13.50 9.35
C GLY A 112 -14.25 -13.27 10.76
N TYR A 113 -12.93 -13.40 10.95
CA TYR A 113 -12.30 -13.23 12.24
C TYR A 113 -11.15 -12.24 12.15
N HIS A 114 -10.87 -11.57 13.26
CA HIS A 114 -9.63 -10.81 13.43
C HIS A 114 -9.44 -10.60 14.93
N GLN A 115 -8.57 -11.41 15.53
CA GLN A 115 -8.35 -11.41 16.97
C GLN A 115 -6.91 -10.99 17.27
N TYR A 116 -6.74 -10.30 18.39
CA TYR A 116 -5.46 -9.74 18.79
C TYR A 116 -5.25 -9.99 20.28
N ALA A 117 -4.09 -10.53 20.64
CA ALA A 117 -3.81 -10.88 22.02
C ALA A 117 -2.47 -10.31 22.45
N TYR A 118 -2.35 -10.07 23.76
CA TYR A 118 -1.10 -9.61 24.37
C TYR A 118 -0.79 -10.52 25.54
N ASP A 119 0.40 -11.13 25.52
CA ASP A 119 0.84 -12.05 26.56
C ASP A 119 -0.14 -13.20 26.75
N GLY A 120 -0.66 -13.71 25.64
CA GLY A 120 -1.57 -14.85 25.66
C GLY A 120 -2.98 -14.54 26.13
N LYS A 121 -3.30 -13.28 26.40
CA LYS A 121 -4.64 -12.88 26.83
C LYS A 121 -5.25 -11.99 25.77
N ASP A 122 -6.55 -12.16 25.52
CA ASP A 122 -7.26 -11.32 24.57
C ASP A 122 -7.00 -9.84 24.86
N TYR A 123 -6.87 -9.06 23.79
CA TYR A 123 -6.70 -7.61 23.90
C TYR A 123 -7.80 -6.87 23.15
N ILE A 124 -7.96 -7.11 21.85
CA ILE A 124 -9.05 -6.53 21.08
C ILE A 124 -9.42 -7.52 19.98
N ALA A 125 -10.72 -7.59 19.67
CA ALA A 125 -11.22 -8.54 18.68
C ALA A 125 -12.31 -7.89 17.86
N LEU A 126 -12.32 -8.22 16.56
CA LEU A 126 -13.37 -7.76 15.67
C LEU A 126 -14.62 -8.61 15.86
N LYS A 127 -15.76 -7.95 16.07
CA LYS A 127 -17.01 -8.66 16.29
C LYS A 127 -17.49 -9.33 15.00
N GLU A 128 -18.48 -10.21 15.14
CA GLU A 128 -18.93 -11.01 14.01
C GLU A 128 -19.53 -10.15 12.91
N ASP A 129 -20.17 -9.02 13.26
CA ASP A 129 -20.74 -8.15 12.25
C ASP A 129 -19.67 -7.41 11.44
N LEU A 130 -18.39 -7.55 11.81
CA LEU A 130 -17.27 -6.97 11.07
C LEU A 130 -17.35 -5.45 11.01
N ARG A 131 -18.01 -4.85 12.00
CA ARG A 131 -18.16 -3.40 12.05
C ARG A 131 -17.89 -2.80 13.42
N SER A 132 -17.66 -3.62 14.45
CA SER A 132 -17.42 -3.13 15.81
C SER A 132 -16.38 -4.01 16.47
N TRP A 133 -15.95 -3.58 17.66
CA TRP A 133 -14.84 -4.23 18.36
C TRP A 133 -15.24 -4.61 19.77
N THR A 134 -14.54 -5.61 20.30
CA THR A 134 -14.64 -6.01 21.70
C THR A 134 -13.28 -5.77 22.35
N ALA A 135 -13.22 -4.78 23.24
CA ALA A 135 -12.00 -4.49 23.99
C ALA A 135 -11.99 -5.33 25.26
N ALA A 136 -10.90 -6.07 25.46
CA ALA A 136 -10.83 -6.99 26.59
C ALA A 136 -10.77 -6.23 27.92
N ASP A 137 -9.89 -5.24 28.04
CA ASP A 137 -9.76 -4.50 29.28
C ASP A 137 -9.82 -2.99 29.04
N MET A 138 -9.44 -2.22 30.06
CA MET A 138 -9.54 -0.76 29.95
C MET A 138 -8.38 -0.16 29.17
N ALA A 139 -7.22 -0.83 29.16
CA ALA A 139 -6.10 -0.34 28.36
C ALA A 139 -6.37 -0.53 26.88
N ALA A 140 -7.19 -1.52 26.51
CA ALA A 140 -7.52 -1.77 25.12
C ALA A 140 -8.57 -0.81 24.57
N GLN A 141 -9.24 -0.06 25.44
CA GLN A 141 -10.20 0.94 24.97
C GLN A 141 -9.51 2.06 24.19
N THR A 142 -8.26 2.36 24.52
CA THR A 142 -7.49 3.32 23.74
C THR A 142 -7.31 2.84 22.32
N THR A 143 -6.94 1.56 22.14
CA THR A 143 -6.80 0.99 20.81
C THR A 143 -8.14 0.97 20.08
N LYS A 144 -9.22 0.65 20.80
CA LYS A 144 -10.54 0.58 20.17
C LYS A 144 -10.96 1.94 19.61
N HIS A 145 -10.74 3.01 20.37
CA HIS A 145 -11.05 4.34 19.89
C HIS A 145 -10.14 4.75 18.73
N LYS A 146 -8.89 4.31 18.76
CA LYS A 146 -7.96 4.66 17.68
C LYS A 146 -8.31 3.94 16.39
N TRP A 147 -8.69 2.66 16.47
CA TRP A 147 -8.98 1.90 15.27
C TRP A 147 -10.34 2.29 14.68
N GLU A 148 -11.28 2.76 15.52
CA GLU A 148 -12.55 3.22 15.00
C GLU A 148 -12.41 4.54 14.26
N ALA A 149 -11.51 5.40 14.71
CA ALA A 149 -11.27 6.66 14.00
C ALA A 149 -10.51 6.42 12.69
N ALA A 150 -9.73 5.35 12.62
CA ALA A 150 -9.00 5.00 11.41
C ALA A 150 -9.81 4.13 10.46
N HIS A 151 -11.06 3.79 10.82
CA HIS A 151 -11.93 2.97 9.99
C HIS A 151 -11.29 1.62 9.67
N VAL A 152 -10.66 1.01 10.69
CA VAL A 152 -9.98 -0.26 10.48
C VAL A 152 -11.00 -1.35 10.15
N ALA A 153 -12.17 -1.32 10.81
CA ALA A 153 -13.17 -2.36 10.61
C ALA A 153 -13.65 -2.41 9.17
N GLU A 154 -13.80 -1.24 8.53
CA GLU A 154 -14.25 -1.21 7.15
C GLU A 154 -13.21 -1.82 6.21
N GLN A 155 -11.93 -1.64 6.51
CA GLN A 155 -10.88 -2.22 5.67
C GLN A 155 -10.78 -3.73 5.90
N LEU A 156 -10.95 -4.18 7.15
CA LEU A 156 -10.93 -5.61 7.41
C LEU A 156 -12.13 -6.31 6.80
N ARG A 157 -13.30 -5.65 6.82
CA ARG A 157 -14.51 -6.25 6.27
C ARG A 157 -14.38 -6.46 4.76
N ALA A 158 -13.77 -5.50 4.07
CA ALA A 158 -13.57 -5.64 2.62
C ALA A 158 -12.66 -6.82 2.31
N TYR A 159 -11.68 -7.10 3.17
CA TYR A 159 -10.80 -8.24 2.98
C TYR A 159 -11.50 -9.55 3.35
N LEU A 160 -12.12 -9.58 4.54
CA LEU A 160 -12.71 -10.83 5.03
C LEU A 160 -13.88 -11.28 4.17
N GLU A 161 -14.69 -10.34 3.68
CA GLU A 161 -15.80 -10.68 2.81
C GLU A 161 -15.41 -10.78 1.34
N GLY A 162 -14.25 -10.28 0.97
CA GLY A 162 -13.85 -10.28 -0.43
C GLY A 162 -12.54 -10.99 -0.71
N THR A 163 -11.42 -10.33 -0.40
CA THR A 163 -10.11 -10.88 -0.75
C THR A 163 -9.88 -12.24 -0.11
N CYS A 164 -10.32 -12.41 1.13
CA CYS A 164 -10.06 -13.66 1.85
C CYS A 164 -10.75 -14.84 1.20
N VAL A 165 -12.03 -14.70 0.87
CA VAL A 165 -12.77 -15.82 0.29
C VAL A 165 -12.39 -16.03 -1.18
N GLU A 166 -11.95 -14.98 -1.86
CA GLU A 166 -11.57 -15.12 -3.26
C GLU A 166 -10.29 -15.93 -3.41
N TRP A 167 -9.27 -15.61 -2.60
CA TRP A 167 -8.04 -16.39 -2.63
C TRP A 167 -8.23 -17.77 -2.05
N LEU A 168 -9.17 -17.94 -1.11
CA LEU A 168 -9.45 -19.25 -0.56
C LEU A 168 -10.03 -20.18 -1.63
N ARG A 169 -10.97 -19.68 -2.44
CA ARG A 169 -11.49 -20.47 -3.54
C ARG A 169 -10.41 -20.77 -4.58
N ARG A 170 -9.48 -19.84 -4.79
CA ARG A 170 -8.37 -20.09 -5.71
C ARG A 170 -7.45 -21.17 -5.16
N TYR A 171 -7.15 -21.13 -3.87
CA TYR A 171 -6.31 -22.15 -3.26
C TYR A 171 -6.96 -23.52 -3.32
N LEU A 172 -8.27 -23.59 -3.02
CA LEU A 172 -8.97 -24.86 -3.04
C LEU A 172 -9.02 -25.45 -4.44
N GLU A 173 -8.93 -24.61 -5.48
CA GLU A 173 -8.95 -25.12 -6.85
C GLU A 173 -7.56 -25.54 -7.30
N ASN A 174 -6.51 -24.80 -6.88
CA ASN A 174 -5.16 -25.16 -7.28
C ASN A 174 -4.66 -26.40 -6.55
N GLY A 175 -5.15 -26.65 -5.34
CA GLY A 175 -4.76 -27.82 -4.59
C GLY A 175 -5.90 -28.77 -4.33
N LYS A 176 -6.68 -29.07 -5.37
CA LYS A 176 -7.82 -29.96 -5.22
C LYS A 176 -7.39 -31.34 -4.76
N GLU A 177 -6.26 -31.85 -5.28
CA GLU A 177 -5.80 -33.18 -4.90
C GLU A 177 -5.41 -33.25 -3.43
N THR A 178 -5.02 -32.12 -2.84
CA THR A 178 -4.60 -32.06 -1.44
C THR A 178 -5.71 -31.56 -0.52
N LEU A 179 -6.30 -30.41 -0.83
CA LEU A 179 -7.20 -29.75 0.11
C LEU A 179 -8.59 -30.38 0.10
N GLN A 180 -9.10 -30.76 -1.07
CA GLN A 180 -10.45 -31.31 -1.19
C GLN A 180 -10.50 -32.82 -1.00
N ARG A 181 -9.48 -33.41 -0.39
CA ARG A 181 -9.47 -34.83 -0.13
C ARG A 181 -10.05 -35.13 1.25
N THR A 182 -10.52 -36.36 1.43
CA THR A 182 -11.02 -36.84 2.71
C THR A 182 -10.48 -38.25 2.94
N ASP A 183 -9.49 -38.36 3.83
CA ASP A 183 -8.91 -39.65 4.18
C ASP A 183 -9.69 -40.24 5.33
N ALA A 184 -10.25 -41.45 5.12
CA ALA A 184 -11.01 -42.10 6.17
C ALA A 184 -10.07 -42.59 7.27
N PRO A 185 -10.53 -42.59 8.52
CA PRO A 185 -9.69 -43.08 9.63
C PRO A 185 -9.44 -44.58 9.51
N LYS A 186 -8.45 -45.03 10.27
CA LYS A 186 -8.06 -46.44 10.33
C LYS A 186 -8.07 -46.82 11.82
N THR A 187 -9.18 -47.37 12.28
CA THR A 187 -9.43 -47.54 13.71
C THR A 187 -9.01 -48.92 14.20
N HIS A 188 -8.57 -48.95 15.46
CA HIS A 188 -8.28 -50.20 16.15
C HIS A 188 -8.34 -49.93 17.65
N MET A 189 -8.39 -50.99 18.44
CA MET A 189 -8.58 -50.88 19.87
C MET A 189 -7.48 -51.63 20.61
N THR A 190 -7.03 -51.06 21.72
CA THR A 190 -6.02 -51.67 22.57
C THR A 190 -6.56 -51.85 23.97
N HIS A 191 -5.97 -52.80 24.70
CA HIS A 191 -6.46 -53.19 26.02
C HIS A 191 -5.30 -53.60 26.91
N HIS A 192 -5.26 -53.03 28.11
CA HIS A 192 -4.23 -53.35 29.11
C HIS A 192 -4.84 -53.23 30.50
N ALA A 193 -4.11 -53.73 31.49
CA ALA A 193 -4.57 -53.77 32.87
C ALA A 193 -4.01 -52.59 33.66
N VAL A 194 -4.89 -51.84 34.29
CA VAL A 194 -4.48 -50.75 35.18
C VAL A 194 -4.05 -51.22 36.57
N SER A 195 -4.98 -51.79 37.31
CA SER A 195 -4.72 -52.41 38.60
C SER A 195 -5.63 -53.62 38.64
N ASP A 196 -5.52 -54.41 39.70
CA ASP A 196 -6.50 -55.46 39.94
C ASP A 196 -7.90 -54.84 39.94
N HIS A 197 -8.80 -55.57 39.28
CA HIS A 197 -10.18 -55.22 39.12
C HIS A 197 -10.41 -54.10 38.15
N GLU A 198 -9.37 -53.70 37.42
CA GLU A 198 -9.47 -52.62 36.43
C GLU A 198 -8.73 -52.86 35.13
N ALA A 199 -9.21 -52.27 34.03
CA ALA A 199 -8.58 -52.47 32.73
C ALA A 199 -8.71 -51.19 31.91
N THR A 200 -7.89 -51.10 30.85
CA THR A 200 -7.91 -49.97 29.95
C THR A 200 -8.46 -50.38 28.59
N LEU A 201 -9.28 -49.52 27.99
CA LEU A 201 -9.82 -49.71 26.65
C LEU A 201 -9.57 -48.44 25.86
N ARG A 202 -8.62 -48.47 24.93
CA ARG A 202 -8.25 -47.29 24.17
C ARG A 202 -8.73 -47.42 22.73
N CYS A 203 -9.40 -46.39 22.25
CA CYS A 203 -9.99 -46.36 20.91
C CYS A 203 -9.14 -45.44 20.03
N TRP A 204 -8.52 -46.00 19.00
CA TRP A 204 -7.56 -45.30 18.16
C TRP A 204 -8.19 -44.91 16.82
N ALA A 205 -7.68 -43.80 16.26
CA ALA A 205 -8.08 -43.32 14.95
C ALA A 205 -6.85 -42.73 14.28
N LEU A 206 -6.45 -43.29 13.14
CA LEU A 206 -5.18 -42.95 12.51
C LEU A 206 -5.39 -42.60 11.04
N SER A 207 -4.55 -41.69 10.55
CA SER A 207 -4.45 -41.34 9.13
C SER A 207 -5.80 -40.87 8.57
N PHE A 208 -6.32 -39.80 9.19
CA PHE A 208 -7.57 -39.20 8.74
C PHE A 208 -7.37 -37.71 8.45
N TYR A 209 -8.11 -37.23 7.46
CA TYR A 209 -8.09 -35.82 7.09
C TYR A 209 -9.49 -35.40 6.64
N PRO A 210 -9.97 -34.23 7.08
CA PRO A 210 -9.30 -33.25 7.95
C PRO A 210 -9.19 -33.67 9.41
N ALA A 211 -8.67 -32.77 10.25
CA ALA A 211 -8.41 -33.08 11.65
C ALA A 211 -9.68 -33.20 12.48
N GLU A 212 -10.82 -32.77 11.96
CA GLU A 212 -12.05 -32.80 12.74
C GLU A 212 -12.56 -34.22 12.89
N ILE A 213 -12.78 -34.63 14.13
CA ILE A 213 -13.29 -35.97 14.44
C ILE A 213 -13.77 -35.96 15.88
N THR A 214 -14.75 -36.82 16.18
CA THR A 214 -15.30 -36.94 17.53
C THR A 214 -15.26 -38.41 17.94
N LEU A 215 -14.67 -38.68 19.10
CA LEU A 215 -14.60 -40.02 19.67
C LEU A 215 -15.28 -40.01 21.04
N THR A 216 -16.30 -40.83 21.20
CA THR A 216 -17.02 -40.94 22.47
C THR A 216 -17.15 -42.40 22.87
N TRP A 217 -17.14 -42.60 24.16
CA TRP A 217 -17.26 -43.92 24.68
C TRP A 217 -18.65 -44.06 25.28
N GLN A 218 -19.23 -45.25 25.14
CA GLN A 218 -20.55 -45.52 25.66
C GLN A 218 -20.70 -46.89 26.30
N ARG A 219 -21.54 -46.94 27.33
CA ARG A 219 -21.81 -48.15 28.09
C ARG A 219 -23.12 -48.85 27.82
N ASP A 220 -23.05 -49.94 27.08
CA ASP A 220 -24.22 -50.77 26.78
C ASP A 220 -25.33 -49.81 26.35
N GLY A 221 -25.02 -48.79 25.56
CA GLY A 221 -26.03 -47.92 25.02
C GLY A 221 -26.14 -46.47 25.47
N GLU A 222 -25.68 -46.19 26.68
CA GLU A 222 -25.78 -44.84 27.20
C GLU A 222 -24.45 -44.10 27.21
N ASP A 223 -24.57 -42.78 27.09
CA ASP A 223 -23.43 -41.89 27.06
C ASP A 223 -22.76 -41.72 28.40
N GLN A 224 -21.79 -42.57 28.66
CA GLN A 224 -21.02 -42.54 29.90
C GLN A 224 -19.67 -41.89 29.59
N THR A 225 -19.65 -40.56 29.68
CA THR A 225 -18.46 -39.76 29.45
C THR A 225 -18.10 -39.00 30.72
N GLN A 226 -17.16 -38.05 30.60
CA GLN A 226 -16.62 -37.23 31.67
C GLN A 226 -15.81 -38.03 32.69
N ASP A 227 -15.79 -39.35 32.58
CA ASP A 227 -14.85 -40.20 33.31
C ASP A 227 -13.73 -40.75 32.43
N THR A 228 -13.56 -40.10 31.29
CA THR A 228 -12.59 -40.52 30.32
C THR A 228 -11.59 -39.51 29.87
N GLU A 229 -10.45 -40.06 29.48
CA GLU A 229 -9.35 -39.27 28.99
C GLU A 229 -9.44 -39.09 27.51
N LEU A 230 -9.45 -37.83 27.09
CA LEU A 230 -9.49 -37.48 25.70
C LEU A 230 -8.25 -36.71 25.27
N VAL A 231 -7.44 -37.37 24.50
CA VAL A 231 -6.24 -36.69 24.01
C VAL A 231 -6.60 -35.81 22.82
N GLU A 232 -5.86 -34.72 22.66
CA GLU A 232 -6.13 -33.79 21.58
C GLU A 232 -5.63 -34.34 20.25
N THR A 233 -6.28 -33.95 19.17
CA THR A 233 -5.89 -34.38 17.84
C THR A 233 -4.48 -33.90 17.53
N ARG A 234 -3.63 -34.83 17.11
CA ARG A 234 -2.23 -34.55 16.88
C ARG A 234 -1.83 -34.83 15.44
N PRO A 235 -0.87 -34.09 14.90
CA PRO A 235 -0.42 -34.35 13.53
C PRO A 235 0.54 -35.53 13.47
N ALA A 236 0.44 -36.28 12.38
CA ALA A 236 1.33 -37.41 12.14
C ALA A 236 2.61 -37.02 11.44
N GLY A 237 2.61 -35.93 10.68
CA GLY A 237 3.77 -35.48 9.93
C GLY A 237 3.64 -35.64 8.44
N ASP A 238 2.59 -36.30 7.95
CA ASP A 238 2.38 -36.53 6.52
C ASP A 238 1.08 -35.92 6.02
N GLY A 239 0.54 -34.93 6.72
CA GLY A 239 -0.71 -34.31 6.36
C GLY A 239 -1.94 -34.93 6.99
N THR A 240 -1.80 -36.05 7.68
CA THR A 240 -2.90 -36.71 8.38
C THR A 240 -2.77 -36.48 9.88
N PHE A 241 -3.78 -36.94 10.61
CA PHE A 241 -3.87 -36.68 12.04
C PHE A 241 -4.19 -37.97 12.79
N GLN A 242 -3.97 -37.93 14.11
CA GLN A 242 -4.21 -39.05 14.99
C GLN A 242 -4.97 -38.57 16.22
N LYS A 243 -5.64 -39.52 16.87
CA LYS A 243 -6.40 -39.24 18.09
C LYS A 243 -6.79 -40.56 18.73
N TRP A 244 -6.86 -40.56 20.06
CA TRP A 244 -7.29 -41.74 20.79
C TRP A 244 -8.14 -41.34 21.98
N ALA A 245 -8.99 -42.26 22.40
CA ALA A 245 -9.84 -42.10 23.58
C ALA A 245 -9.84 -43.40 24.36
N ALA A 246 -9.51 -43.31 25.66
CA ALA A 246 -9.39 -44.48 26.52
C ALA A 246 -10.28 -44.32 27.75
N VAL A 247 -10.92 -45.43 28.15
CA VAL A 247 -11.84 -45.46 29.28
C VAL A 247 -11.40 -46.53 30.25
N VAL A 248 -11.68 -46.31 31.54
CA VAL A 248 -11.30 -47.21 32.62
C VAL A 248 -12.50 -48.05 32.99
N VAL A 249 -12.40 -49.35 32.75
CA VAL A 249 -13.54 -50.25 32.95
C VAL A 249 -13.09 -51.42 33.82
N PRO A 250 -14.00 -52.05 34.56
CA PRO A 250 -13.62 -53.22 35.35
C PRO A 250 -13.10 -54.36 34.46
N SER A 251 -12.34 -55.25 35.09
CA SER A 251 -11.68 -56.34 34.37
C SER A 251 -12.67 -57.31 33.73
N GLY A 252 -13.94 -57.27 34.10
CA GLY A 252 -14.91 -58.18 33.54
C GLY A 252 -16.01 -57.50 32.73
N GLN A 253 -16.15 -56.19 32.91
CA GLN A 253 -17.16 -55.41 32.22
C GLN A 253 -16.72 -54.96 30.84
N GLU A 254 -15.82 -55.69 30.19
CA GLU A 254 -15.14 -55.16 29.01
C GLU A 254 -16.08 -55.03 27.81
N GLN A 255 -16.81 -56.09 27.50
CA GLN A 255 -17.57 -56.13 26.26
C GLN A 255 -18.93 -55.46 26.39
N ARG A 256 -19.02 -54.46 27.28
CA ARG A 256 -20.21 -53.63 27.44
C ARG A 256 -19.88 -52.16 27.27
N TYR A 257 -18.88 -51.86 26.44
CA TYR A 257 -18.38 -50.49 26.24
C TYR A 257 -18.10 -50.27 24.76
N THR A 258 -18.87 -49.37 24.14
CA THR A 258 -18.73 -49.07 22.72
C THR A 258 -18.06 -47.71 22.53
N CYS A 259 -17.25 -47.62 21.48
CA CYS A 259 -16.61 -46.36 21.08
C CYS A 259 -17.16 -45.97 19.70
N HIS A 260 -17.69 -44.76 19.60
CA HIS A 260 -18.39 -44.30 18.41
C HIS A 260 -17.62 -43.16 17.77
N VAL A 261 -17.08 -43.40 16.58
CA VAL A 261 -16.29 -42.41 15.86
C VAL A 261 -17.06 -42.00 14.61
N GLN A 262 -16.98 -40.72 14.27
CA GLN A 262 -17.62 -40.20 13.07
C GLN A 262 -16.70 -39.19 12.38
N HIS A 263 -16.43 -39.44 11.11
CA HIS A 263 -15.55 -38.62 10.31
C HIS A 263 -16.18 -38.44 8.94
N GLU A 264 -15.99 -37.26 8.35
CA GLU A 264 -16.63 -36.98 7.06
C GLU A 264 -16.15 -37.92 5.96
N GLY A 265 -15.08 -38.68 6.17
CA GLY A 265 -14.69 -39.76 5.31
C GLY A 265 -15.39 -41.07 5.57
N LEU A 266 -16.29 -41.11 6.56
CA LEU A 266 -17.08 -42.28 6.89
C LEU A 266 -18.54 -42.03 6.55
N PRO A 267 -19.16 -42.90 5.75
CA PRO A 267 -20.58 -42.71 5.42
C PRO A 267 -21.50 -42.80 6.62
N LYS A 268 -21.16 -43.63 7.62
CA LYS A 268 -21.95 -43.78 8.82
C LYS A 268 -21.01 -43.90 10.00
N PRO A 269 -21.34 -43.27 11.14
CA PRO A 269 -20.49 -43.38 12.33
C PRO A 269 -20.15 -44.83 12.67
N LEU A 270 -18.86 -45.09 12.86
CA LEU A 270 -18.39 -46.43 13.17
C LEU A 270 -18.55 -46.72 14.67
N THR A 271 -18.62 -48.01 14.99
CA THR A 271 -18.67 -48.47 16.37
C THR A 271 -17.72 -49.65 16.53
N LEU A 272 -17.14 -49.77 17.72
CA LEU A 272 -16.22 -50.87 18.01
C LEU A 272 -16.38 -51.33 19.45
N ARG A 273 -16.08 -52.61 19.68
CA ARG A 273 -16.00 -53.18 21.02
C ARG A 273 -14.80 -54.11 21.08
N TRP A 274 -14.31 -54.33 22.30
CA TRP A 274 -13.08 -55.10 22.49
C TRP A 274 -13.25 -56.52 21.97
N GLU A 275 -12.12 -57.13 21.59
CA GLU A 275 -12.05 -58.47 21.01
C GLU A 275 -12.71 -58.58 19.64
N MET B 1 1.68 -12.06 34.61
CA MET B 1 1.59 -12.86 33.39
C MET B 1 1.23 -14.31 33.72
N ILE B 2 0.26 -14.86 32.99
CA ILE B 2 -0.23 -16.20 33.21
C ILE B 2 0.44 -17.14 32.22
N GLN B 3 1.11 -18.17 32.75
CA GLN B 3 1.84 -19.14 31.94
C GLN B 3 1.03 -20.42 31.79
N ARG B 4 1.38 -21.18 30.74
CA ARG B 4 0.77 -22.48 30.48
C ARG B 4 1.86 -23.52 30.29
N THR B 5 1.74 -24.65 31.00
CA THR B 5 2.73 -25.70 30.87
C THR B 5 2.41 -26.59 29.67
N PRO B 6 3.44 -27.12 29.00
CA PRO B 6 3.19 -27.87 27.76
C PRO B 6 2.62 -29.26 28.02
N LYS B 7 1.75 -29.68 27.12
CA LYS B 7 1.30 -31.07 27.04
C LYS B 7 2.20 -31.80 26.05
N ILE B 8 2.68 -32.98 26.44
CA ILE B 8 3.71 -33.69 25.68
C ILE B 8 3.15 -35.03 25.21
N GLN B 9 3.29 -35.30 23.91
CA GLN B 9 2.94 -36.58 23.32
C GLN B 9 4.08 -37.05 22.43
N VAL B 10 4.52 -38.29 22.64
CA VAL B 10 5.56 -38.90 21.82
C VAL B 10 4.97 -40.13 21.15
N TYR B 11 5.19 -40.24 19.84
CA TYR B 11 4.53 -41.28 19.04
C TYR B 11 5.25 -41.35 17.69
N SER B 12 4.83 -42.33 16.89
CA SER B 12 5.38 -42.53 15.55
C SER B 12 4.37 -42.11 14.50
N ARG B 13 4.89 -41.77 13.32
CA ARG B 13 4.03 -41.38 12.20
C ARG B 13 3.21 -42.55 11.71
N HIS B 14 3.85 -43.70 11.53
CA HIS B 14 3.22 -44.93 11.07
C HIS B 14 3.21 -45.97 12.18
N PRO B 15 2.40 -47.02 12.05
CA PRO B 15 2.45 -48.11 13.04
C PRO B 15 3.86 -48.68 13.15
N ALA B 16 4.31 -48.87 14.39
CA ALA B 16 5.68 -49.28 14.64
C ALA B 16 5.91 -50.70 14.12
N GLU B 17 6.91 -50.85 13.25
CA GLU B 17 7.31 -52.13 12.71
C GLU B 17 8.83 -52.24 12.82
N ASN B 18 9.30 -53.30 13.49
CA ASN B 18 10.73 -53.47 13.69
C ASN B 18 11.44 -53.68 12.36
N GLY B 19 12.50 -52.90 12.12
CA GLY B 19 13.26 -52.98 10.90
C GLY B 19 12.77 -52.08 9.78
N LYS B 20 11.62 -51.45 9.93
CA LYS B 20 11.07 -50.57 8.92
C LYS B 20 11.27 -49.12 9.30
N SER B 21 11.61 -48.29 8.30
CA SER B 21 11.83 -46.88 8.54
C SER B 21 10.52 -46.19 8.94
N ASN B 22 10.64 -45.19 9.82
CA ASN B 22 9.49 -44.48 10.34
C ASN B 22 9.97 -43.12 10.82
N PHE B 23 9.07 -42.36 11.44
CA PHE B 23 9.37 -41.05 12.00
C PHE B 23 8.93 -40.99 13.44
N LEU B 24 9.82 -40.57 14.33
CA LEU B 24 9.48 -40.36 15.73
C LEU B 24 9.04 -38.92 15.93
N ASN B 25 7.85 -38.74 16.50
CA ASN B 25 7.26 -37.42 16.70
C ASN B 25 7.16 -37.10 18.18
N CYS B 26 7.42 -35.83 18.52
CA CYS B 26 7.11 -35.29 19.84
C CYS B 26 6.26 -34.05 19.64
N TYR B 27 5.01 -34.12 20.06
CA TYR B 27 4.06 -33.04 19.88
C TYR B 27 3.86 -32.32 21.22
N VAL B 28 4.29 -31.06 21.28
CA VAL B 28 4.11 -30.22 22.45
C VAL B 28 3.08 -29.15 22.11
N SER B 29 2.14 -28.94 23.02
CA SER B 29 1.03 -28.03 22.75
C SER B 29 0.50 -27.47 24.07
N GLY B 30 -0.31 -26.43 23.95
CA GLY B 30 -0.95 -25.84 25.10
C GLY B 30 -0.02 -25.13 26.06
N PHE B 31 1.08 -24.57 25.58
CA PHE B 31 2.05 -23.92 26.43
C PHE B 31 2.15 -22.43 26.10
N HIS B 32 2.64 -21.67 27.08
CA HIS B 32 2.83 -20.23 26.96
C HIS B 32 3.77 -19.78 28.06
N PRO B 33 4.79 -18.97 27.71
CA PRO B 33 5.09 -18.40 26.39
C PRO B 33 5.68 -19.40 25.40
N SER B 34 6.10 -18.90 24.23
CA SER B 34 6.47 -19.76 23.12
C SER B 34 7.87 -20.35 23.25
N ASP B 35 8.74 -19.75 24.08
CA ASP B 35 10.11 -20.26 24.22
C ASP B 35 10.08 -21.64 24.86
N ILE B 36 10.63 -22.63 24.16
CA ILE B 36 10.61 -24.01 24.62
C ILE B 36 11.81 -24.73 24.01
N GLU B 37 12.28 -25.77 24.70
CA GLU B 37 13.40 -26.57 24.24
C GLU B 37 12.96 -28.04 24.22
N VAL B 38 13.12 -28.68 23.06
CA VAL B 38 12.64 -30.05 22.86
C VAL B 38 13.78 -30.87 22.26
N ASP B 39 14.09 -32.00 22.90
CA ASP B 39 15.05 -32.97 22.38
C ASP B 39 14.39 -34.32 22.24
N LEU B 40 14.75 -35.04 21.19
CA LEU B 40 14.35 -36.43 21.01
C LEU B 40 15.51 -37.33 21.42
N LEU B 41 15.21 -38.34 22.24
CA LEU B 41 16.24 -39.18 22.84
C LEU B 41 16.19 -40.58 22.27
N LYS B 42 17.36 -41.19 22.11
CA LYS B 42 17.50 -42.60 21.75
C LYS B 42 18.38 -43.25 22.80
N ASN B 43 17.77 -44.06 23.67
CA ASN B 43 18.47 -44.70 24.78
C ASN B 43 19.10 -43.68 25.73
N GLY B 44 18.51 -42.49 25.81
CA GLY B 44 18.94 -41.47 26.73
C GLY B 44 19.86 -40.41 26.16
N GLU B 45 20.36 -40.60 24.93
CA GLU B 45 21.26 -39.64 24.31
C GLU B 45 20.52 -38.79 23.29
N ARG B 46 21.03 -37.58 23.08
CA ARG B 46 20.40 -36.65 22.16
C ARG B 46 20.44 -37.17 20.73
N ILE B 47 19.33 -37.02 20.02
CA ILE B 47 19.30 -37.20 18.57
C ILE B 47 19.58 -35.84 17.95
N GLU B 48 20.66 -35.74 17.19
CA GLU B 48 21.11 -34.44 16.71
C GLU B 48 20.25 -33.94 15.56
N LYS B 49 20.03 -34.78 14.55
CA LYS B 49 19.27 -34.37 13.36
C LYS B 49 17.78 -34.48 13.67
N VAL B 50 17.21 -33.39 14.19
CA VAL B 50 15.79 -33.30 14.51
C VAL B 50 15.24 -32.02 13.88
N GLU B 51 14.09 -32.13 13.23
CA GLU B 51 13.40 -31.00 12.63
C GLU B 51 12.13 -30.70 13.40
N HIS B 52 11.63 -29.47 13.23
CA HIS B 52 10.41 -29.04 13.89
C HIS B 52 9.60 -28.17 12.94
N SER B 53 8.30 -28.10 13.21
CA SER B 53 7.39 -27.32 12.39
C SER B 53 7.47 -25.85 12.77
N ASP B 54 6.68 -25.02 12.09
CA ASP B 54 6.65 -23.59 12.34
C ASP B 54 5.67 -23.28 13.47
N LEU B 55 6.02 -22.27 14.27
CA LEU B 55 5.24 -21.96 15.46
C LEU B 55 3.86 -21.43 15.08
N SER B 56 2.84 -22.03 15.67
CA SER B 56 1.46 -21.55 15.54
C SER B 56 0.77 -21.71 16.88
N PHE B 57 -0.46 -21.21 16.98
CA PHE B 57 -1.19 -21.23 18.23
C PHE B 57 -2.65 -21.57 17.99
N SER B 58 -3.33 -21.97 19.06
CA SER B 58 -4.72 -22.41 19.01
C SER B 58 -5.65 -21.24 19.31
N LYS B 59 -6.93 -21.53 19.53
CA LYS B 59 -7.91 -20.49 19.81
C LYS B 59 -7.66 -19.84 21.17
N ASP B 60 -7.13 -20.60 22.13
CA ASP B 60 -6.82 -20.07 23.45
C ASP B 60 -5.44 -19.42 23.52
N TRP B 61 -4.85 -19.11 22.37
CA TRP B 61 -3.56 -18.43 22.23
C TRP B 61 -2.37 -19.26 22.69
N SER B 62 -2.57 -20.52 23.03
CA SER B 62 -1.46 -21.38 23.42
C SER B 62 -0.81 -22.00 22.20
N PHE B 63 0.51 -22.16 22.25
CA PHE B 63 1.30 -22.58 21.10
C PHE B 63 1.38 -24.09 21.00
N TYR B 64 1.77 -24.57 19.83
CA TYR B 64 2.01 -25.99 19.60
C TYR B 64 3.12 -26.15 18.58
N LEU B 65 3.94 -27.19 18.77
CA LEU B 65 5.05 -27.49 17.88
C LEU B 65 5.16 -29.01 17.72
N LEU B 66 5.66 -29.42 16.55
CA LEU B 66 5.89 -30.84 16.26
C LEU B 66 7.36 -31.04 15.94
N TYR B 67 8.07 -31.73 16.83
CA TYR B 67 9.46 -32.13 16.59
C TYR B 67 9.48 -33.56 16.09
N TYR B 68 10.24 -33.81 15.02
CA TYR B 68 10.22 -35.11 14.38
C TYR B 68 11.59 -35.46 13.83
N THR B 69 11.88 -36.75 13.79
CA THR B 69 13.11 -37.27 13.19
C THR B 69 12.84 -38.65 12.62
N GLU B 70 13.65 -39.05 11.66
CA GLU B 70 13.50 -40.36 11.04
C GLU B 70 14.26 -41.40 11.87
N PHE B 71 13.61 -42.52 12.15
CA PHE B 71 14.22 -43.58 12.94
C PHE B 71 13.70 -44.93 12.47
N THR B 72 14.38 -45.99 12.90
CA THR B 72 13.97 -47.36 12.64
C THR B 72 13.84 -48.08 13.98
N PRO B 73 12.65 -48.42 14.43
CA PRO B 73 12.50 -49.02 15.76
C PRO B 73 12.95 -50.47 15.79
N THR B 74 13.45 -50.89 16.96
CA THR B 74 13.84 -52.26 17.21
C THR B 74 13.30 -52.68 18.57
N GLU B 75 13.54 -53.94 18.93
CA GLU B 75 13.11 -54.41 20.24
C GLU B 75 13.93 -53.80 21.36
N LYS B 76 15.22 -53.57 21.13
CA LYS B 76 16.12 -53.12 22.17
C LYS B 76 16.13 -51.61 22.34
N ASP B 77 16.02 -50.85 21.25
CA ASP B 77 16.20 -49.41 21.31
C ASP B 77 15.00 -48.74 21.97
N GLU B 78 15.28 -47.82 22.88
CA GLU B 78 14.25 -47.04 23.57
C GLU B 78 14.32 -45.59 23.09
N TYR B 79 13.16 -44.95 23.03
CA TYR B 79 13.05 -43.57 22.56
C TYR B 79 12.18 -42.77 23.52
N ALA B 80 12.47 -41.47 23.59
CA ALA B 80 11.75 -40.58 24.50
C ALA B 80 11.85 -39.16 23.98
N CYS B 81 11.14 -38.26 24.65
CA CYS B 81 11.16 -36.84 24.35
C CYS B 81 11.46 -36.07 25.63
N ARG B 82 12.40 -35.13 25.55
CA ARG B 82 12.81 -34.32 26.68
C ARG B 82 12.44 -32.86 26.40
N VAL B 83 11.63 -32.28 27.28
CA VAL B 83 11.09 -30.94 27.08
C VAL B 83 11.45 -30.08 28.29
N ASN B 84 11.95 -28.87 28.03
CA ASN B 84 12.18 -27.89 29.08
C ASN B 84 11.40 -26.63 28.76
N HIS B 85 10.88 -25.99 29.79
CA HIS B 85 10.02 -24.82 29.65
C HIS B 85 10.07 -24.03 30.94
N VAL B 86 9.71 -22.74 30.85
CA VAL B 86 9.78 -21.87 32.02
C VAL B 86 8.83 -22.35 33.11
N THR B 87 7.76 -23.06 32.74
CA THR B 87 6.85 -23.61 33.72
C THR B 87 7.42 -24.84 34.43
N LEU B 88 8.52 -25.39 33.95
CA LEU B 88 9.10 -26.61 34.49
C LEU B 88 10.39 -26.28 35.22
N SER B 89 10.47 -26.66 36.49
CA SER B 89 11.70 -26.47 37.27
C SER B 89 12.82 -27.40 36.84
N GLN B 90 12.53 -28.36 35.96
CA GLN B 90 13.52 -29.30 35.47
C GLN B 90 12.99 -29.90 34.17
N PRO B 91 13.87 -30.44 33.33
CA PRO B 91 13.39 -31.06 32.08
C PRO B 91 12.49 -32.25 32.36
N LYS B 92 11.40 -32.33 31.60
CA LYS B 92 10.45 -33.43 31.71
C LYS B 92 10.66 -34.42 30.57
N ILE B 93 10.71 -35.70 30.90
CA ILE B 93 10.95 -36.76 29.93
C ILE B 93 9.68 -37.60 29.81
N VAL B 94 9.24 -37.81 28.58
CA VAL B 94 8.11 -38.67 28.27
C VAL B 94 8.61 -39.78 27.35
N LYS B 95 8.42 -41.03 27.75
CA LYS B 95 8.93 -42.17 27.03
C LYS B 95 7.97 -42.59 25.91
N TRP B 96 8.54 -43.06 24.81
CA TRP B 96 7.74 -43.55 23.69
C TRP B 96 7.24 -44.95 24.02
N ASP B 97 5.92 -45.11 24.06
CA ASP B 97 5.28 -46.38 24.36
C ASP B 97 4.51 -46.82 23.12
N ARG B 98 5.07 -47.77 22.36
CA ARG B 98 4.44 -48.20 21.12
C ARG B 98 3.22 -49.08 21.36
N ASP B 99 3.06 -49.62 22.57
CA ASP B 99 1.92 -50.46 22.91
C ASP B 99 0.76 -49.68 23.50
N MET B 100 0.73 -48.37 23.31
CA MET B 100 -0.32 -47.53 23.87
C MET B 100 -1.64 -47.73 23.12
N SER C 1 -3.52 -15.30 0.59
CA SER C 1 -3.10 -13.91 0.53
C SER C 1 -3.49 -13.19 1.82
N MET C 2 -2.51 -12.55 2.45
CA MET C 2 -2.73 -11.92 3.74
C MET C 2 -3.18 -10.46 3.56
N LEU C 3 -3.40 -9.80 4.68
CA LEU C 3 -3.98 -8.46 4.67
C LEU C 3 -3.03 -7.43 4.08
N GLY C 4 -3.56 -6.57 3.22
CA GLY C 4 -2.80 -5.47 2.67
C GLY C 4 -3.31 -4.14 3.18
N ILE C 5 -4.38 -4.19 3.99
CA ILE C 5 -4.98 -3.00 4.60
C ILE C 5 -5.39 -3.36 6.02
N GLY C 6 -5.82 -2.34 6.77
CA GLY C 6 -6.37 -2.55 8.09
C GLY C 6 -5.41 -3.00 9.16
N ILE C 7 -4.10 -2.90 8.93
CA ILE C 7 -3.11 -3.27 9.92
C ILE C 7 -2.55 -1.98 10.50
N VAL C 8 -3.00 -1.63 11.71
CA VAL C 8 -2.67 -0.37 12.35
C VAL C 8 -2.06 -0.65 13.73
N PRO C 9 -1.04 0.09 14.15
CA PRO C 9 -0.51 -0.10 15.50
C PRO C 9 -1.57 0.15 16.57
N VAL C 10 -1.47 -0.61 17.65
CA VAL C 10 -2.41 -0.50 18.76
C VAL C 10 -2.16 0.79 19.54
N LYS D 1 4.18 -0.75 -17.08
CA LYS D 1 3.47 -2.00 -17.29
C LYS D 1 2.70 -2.42 -16.04
N GLU D 2 3.28 -2.14 -14.87
CA GLU D 2 2.64 -2.50 -13.62
C GLU D 2 1.30 -1.80 -13.44
N VAL D 3 1.25 -0.50 -13.75
CA VAL D 3 0.02 0.29 -13.72
C VAL D 3 -0.04 1.04 -15.03
N GLU D 4 -0.99 0.68 -15.89
CA GLU D 4 -1.19 1.32 -17.19
C GLU D 4 -2.53 2.02 -17.20
N GLN D 5 -2.52 3.30 -17.54
CA GLN D 5 -3.73 4.12 -17.58
C GLN D 5 -4.12 4.40 -19.02
N ASN D 6 -5.28 5.02 -19.17
CA ASN D 6 -5.72 5.54 -20.45
C ASN D 6 -4.67 6.49 -21.01
N SER D 7 -4.27 6.26 -22.26
CA SER D 7 -3.24 7.08 -22.88
C SER D 7 -3.88 8.26 -23.60
N GLY D 8 -3.53 9.47 -23.19
CA GLY D 8 -4.16 10.68 -23.71
C GLY D 8 -3.26 11.57 -24.56
N PRO D 9 -3.56 12.88 -24.59
CA PRO D 9 -4.65 13.50 -23.81
C PRO D 9 -6.03 13.25 -24.40
N LEU D 10 -7.04 13.17 -23.53
CA LEU D 10 -8.42 12.92 -23.95
C LEU D 10 -9.14 14.25 -24.06
N SER D 11 -9.70 14.52 -25.24
CA SER D 11 -10.50 15.72 -25.48
C SER D 11 -11.97 15.36 -25.29
N VAL D 12 -12.63 16.00 -24.34
CA VAL D 12 -14.01 15.73 -23.99
C VAL D 12 -14.80 17.02 -24.11
N PRO D 13 -15.90 17.04 -24.84
CA PRO D 13 -16.73 18.25 -24.91
C PRO D 13 -17.34 18.57 -23.54
N GLU D 14 -17.69 19.84 -23.37
CA GLU D 14 -18.25 20.31 -22.11
C GLU D 14 -19.61 19.66 -21.89
N GLY D 15 -19.75 18.99 -20.74
CA GLY D 15 -20.98 18.29 -20.40
C GLY D 15 -20.97 16.80 -20.71
N ALA D 16 -19.99 16.33 -21.47
CA ALA D 16 -19.93 14.92 -21.83
C ALA D 16 -19.34 14.10 -20.70
N ILE D 17 -19.66 12.81 -20.70
CA ILE D 17 -19.16 11.88 -19.69
C ILE D 17 -17.74 11.49 -20.05
N ALA D 18 -16.79 11.83 -19.18
CA ALA D 18 -15.39 11.49 -19.38
C ALA D 18 -15.10 10.15 -18.72
N SER D 19 -14.61 9.19 -19.51
CA SER D 19 -14.33 7.85 -19.03
C SER D 19 -12.83 7.63 -18.95
N LEU D 20 -12.36 7.22 -17.77
CA LEU D 20 -10.97 6.89 -17.54
C LEU D 20 -10.88 5.47 -17.01
N ASN D 21 -9.87 4.73 -17.46
CA ASN D 21 -9.65 3.36 -17.03
C ASN D 21 -8.20 3.16 -16.62
N CYS D 22 -7.94 2.04 -15.95
CA CYS D 22 -6.63 1.78 -15.37
C CYS D 22 -6.51 0.28 -15.10
N THR D 23 -5.47 -0.33 -15.66
CA THR D 23 -5.20 -1.75 -15.48
C THR D 23 -3.92 -1.94 -14.66
N TYR D 24 -3.89 -3.02 -13.90
CA TYR D 24 -2.75 -3.33 -13.04
C TYR D 24 -2.42 -4.81 -13.16
N SER D 25 -1.15 -5.14 -12.88
CA SER D 25 -0.65 -6.49 -13.09
C SER D 25 -0.77 -7.39 -11.86
N ASP D 26 -0.58 -6.82 -10.66
CA ASP D 26 -0.63 -7.60 -9.43
C ASP D 26 -2.08 -7.98 -9.12
N ARG D 27 -2.43 -9.26 -9.31
CA ARG D 27 -3.79 -9.70 -9.06
C ARG D 27 -4.13 -9.67 -7.57
N GLY D 28 -3.15 -9.57 -6.69
CA GLY D 28 -3.36 -9.53 -5.27
C GLY D 28 -3.50 -8.15 -4.67
N SER D 29 -3.57 -7.11 -5.50
CA SER D 29 -3.72 -5.75 -4.98
C SER D 29 -5.05 -5.60 -4.24
N GLN D 30 -5.03 -4.85 -3.14
CA GLN D 30 -6.19 -4.75 -2.26
C GLN D 30 -6.72 -3.32 -2.08
N SER D 31 -6.00 -2.31 -2.56
CA SER D 31 -6.47 -0.93 -2.44
C SER D 31 -6.12 -0.16 -3.70
N PHE D 32 -7.04 0.71 -4.12
CA PHE D 32 -6.93 1.41 -5.40
C PHE D 32 -7.40 2.84 -5.22
N PHE D 33 -6.74 3.77 -5.91
CA PHE D 33 -6.95 5.19 -5.66
C PHE D 33 -6.96 5.96 -6.97
N TRP D 34 -7.78 7.01 -7.01
CA TRP D 34 -7.82 7.95 -8.12
C TRP D 34 -7.48 9.34 -7.59
N TYR D 35 -6.48 9.98 -8.21
CA TYR D 35 -6.04 11.31 -7.81
C TYR D 35 -6.27 12.29 -8.94
N ARG D 36 -6.42 13.56 -8.58
CA ARG D 36 -6.56 14.66 -9.53
C ARG D 36 -5.40 15.61 -9.32
N GLN D 37 -4.69 15.95 -10.40
CA GLN D 37 -3.51 16.80 -10.32
C GLN D 37 -3.64 17.90 -11.36
N TYR D 38 -3.84 19.13 -10.89
CA TYR D 38 -3.79 20.29 -11.78
C TYR D 38 -2.34 20.60 -12.15
N SER D 39 -2.18 21.40 -13.19
CA SER D 39 -0.85 21.71 -13.71
C SER D 39 -0.03 22.47 -12.67
N GLY D 40 1.12 21.89 -12.30
CA GLY D 40 2.00 22.51 -11.32
C GLY D 40 1.54 22.40 -9.89
N LYS D 41 0.56 21.54 -9.59
CA LYS D 41 0.03 21.38 -8.25
C LYS D 41 0.30 19.96 -7.76
N SER D 42 -0.24 19.63 -6.58
CA SER D 42 -0.09 18.35 -5.93
C SER D 42 -1.28 17.43 -6.25
N PRO D 43 -1.05 16.12 -6.25
CA PRO D 43 -2.17 15.18 -6.46
C PRO D 43 -3.17 15.26 -5.33
N GLU D 44 -4.45 15.42 -5.68
CA GLU D 44 -5.54 15.47 -4.72
C GLU D 44 -6.41 14.23 -4.89
N LEU D 45 -6.73 13.57 -3.78
CA LEU D 45 -7.49 12.34 -3.84
C LEU D 45 -8.91 12.60 -4.30
N ILE D 46 -9.38 11.77 -5.24
CA ILE D 46 -10.79 11.80 -5.62
C ILE D 46 -11.61 10.81 -4.82
N MET D 47 -11.17 9.55 -4.79
CA MET D 47 -11.80 8.53 -3.95
C MET D 47 -10.91 7.30 -3.94
N PHE D 48 -11.10 6.48 -2.92
CA PHE D 48 -10.46 5.17 -2.81
C PHE D 48 -11.51 4.08 -2.92
N ILE D 49 -11.06 2.87 -3.22
CA ILE D 49 -11.96 1.72 -3.33
C ILE D 49 -11.21 0.47 -2.91
N TYR D 50 -11.89 -0.40 -2.18
CA TYR D 50 -11.30 -1.63 -1.67
C TYR D 50 -11.95 -2.90 -2.21
N SER D 51 -13.22 -2.84 -2.64
CA SER D 51 -13.97 -4.03 -3.00
C SER D 51 -14.46 -3.93 -4.44
N ASN D 52 -14.79 -5.09 -5.01
CA ASN D 52 -15.39 -5.14 -6.34
C ASN D 52 -16.74 -4.44 -6.35
N GLY D 53 -17.06 -3.81 -7.47
CA GLY D 53 -18.31 -3.11 -7.66
C GLY D 53 -18.09 -1.64 -7.92
N ASP D 54 -19.16 -0.87 -7.80
CA ASP D 54 -19.15 0.56 -8.04
C ASP D 54 -19.01 1.33 -6.74
N LYS D 55 -18.60 2.59 -6.86
CA LYS D 55 -18.56 3.52 -5.74
C LYS D 55 -18.79 4.92 -6.29
N GLU D 56 -19.80 5.61 -5.76
CA GLU D 56 -20.23 6.89 -6.30
C GLU D 56 -19.93 8.01 -5.30
N ASP D 57 -19.54 9.16 -5.84
CA ASP D 57 -19.28 10.36 -5.04
C ASP D 57 -19.56 11.57 -5.93
N GLY D 58 -20.80 12.04 -5.88
CA GLY D 58 -21.18 13.18 -6.70
C GLY D 58 -21.17 12.80 -8.18
N ARG D 59 -20.49 13.61 -8.97
CA ARG D 59 -20.37 13.36 -10.40
C ARG D 59 -19.30 12.32 -10.74
N PHE D 60 -18.65 11.74 -9.72
CA PHE D 60 -17.58 10.79 -9.93
C PHE D 60 -18.03 9.39 -9.52
N THR D 61 -17.71 8.40 -10.36
CA THR D 61 -18.04 7.01 -10.09
C THR D 61 -16.84 6.14 -10.44
N ALA D 62 -16.35 5.39 -9.46
CA ALA D 62 -15.27 4.45 -9.66
C ALA D 62 -15.81 3.03 -9.71
N GLN D 63 -15.15 2.18 -10.48
CA GLN D 63 -15.56 0.79 -10.65
C GLN D 63 -14.34 -0.10 -10.59
N LEU D 64 -14.38 -1.11 -9.74
CA LEU D 64 -13.28 -2.04 -9.55
C LEU D 64 -13.73 -3.45 -9.91
N ASN D 65 -12.90 -4.16 -10.68
CA ASN D 65 -13.15 -5.56 -11.03
C ASN D 65 -11.81 -6.28 -10.91
N LYS D 66 -11.61 -6.95 -9.79
CA LYS D 66 -10.34 -7.63 -9.54
C LYS D 66 -10.09 -8.76 -10.52
N ALA D 67 -11.16 -9.42 -10.99
CA ALA D 67 -10.99 -10.51 -11.93
C ALA D 67 -10.39 -10.02 -13.25
N SER D 68 -10.90 -8.90 -13.76
CA SER D 68 -10.34 -8.30 -14.97
C SER D 68 -9.14 -7.41 -14.67
N GLN D 69 -8.86 -7.13 -13.39
CA GLN D 69 -7.72 -6.32 -12.98
C GLN D 69 -7.74 -4.93 -13.60
N TYR D 70 -8.91 -4.29 -13.54
CA TYR D 70 -9.04 -2.91 -13.98
C TYR D 70 -9.77 -2.10 -12.91
N VAL D 71 -9.46 -0.81 -12.88
CA VAL D 71 -10.22 0.16 -12.10
C VAL D 71 -10.51 1.35 -13.02
N SER D 72 -11.75 1.81 -13.01
CA SER D 72 -12.17 2.87 -13.92
C SER D 72 -12.79 4.02 -13.14
N LEU D 73 -12.85 5.18 -13.80
CA LEU D 73 -13.42 6.38 -13.21
C LEU D 73 -14.22 7.11 -14.28
N LEU D 74 -15.52 7.31 -14.02
CA LEU D 74 -16.40 8.03 -14.92
C LEU D 74 -16.75 9.38 -14.32
N ILE D 75 -16.59 10.44 -15.11
CA ILE D 75 -16.89 11.80 -14.68
C ILE D 75 -18.06 12.29 -15.52
N ARG D 76 -19.20 12.50 -14.88
CA ARG D 76 -20.38 13.02 -15.56
C ARG D 76 -20.38 14.55 -15.52
N ASP D 77 -21.02 15.15 -16.53
CA ASP D 77 -21.16 16.59 -16.65
C ASP D 77 -19.79 17.29 -16.54
N SER D 78 -18.91 16.93 -17.47
CA SER D 78 -17.54 17.43 -17.46
C SER D 78 -17.49 18.95 -17.50
N GLN D 79 -17.14 19.56 -16.39
CA GLN D 79 -17.01 21.00 -16.23
C GLN D 79 -15.62 21.45 -16.68
N PRO D 80 -15.45 22.74 -17.00
CA PRO D 80 -14.10 23.22 -17.35
C PRO D 80 -13.09 23.05 -16.22
N SER D 81 -13.55 23.04 -14.97
CA SER D 81 -12.65 22.86 -13.84
C SER D 81 -12.09 21.45 -13.74
N ASP D 82 -12.69 20.49 -14.45
CA ASP D 82 -12.21 19.11 -14.44
C ASP D 82 -10.97 18.90 -15.31
N SER D 83 -10.52 19.94 -16.01
CA SER D 83 -9.36 19.82 -16.90
C SER D 83 -8.10 19.68 -16.06
N ALA D 84 -7.55 18.46 -16.00
CA ALA D 84 -6.34 18.18 -15.25
C ALA D 84 -5.85 16.80 -15.67
N THR D 85 -4.78 16.35 -15.02
CA THR D 85 -4.26 15.00 -15.21
C THR D 85 -4.77 14.11 -14.08
N TYR D 86 -5.36 12.98 -14.44
CA TYR D 86 -5.96 12.07 -13.48
C TYR D 86 -5.05 10.86 -13.28
N LEU D 87 -4.62 10.64 -12.04
CA LEU D 87 -3.64 9.63 -11.71
C LEU D 87 -4.32 8.42 -11.07
N CYS D 88 -3.86 7.23 -11.47
CA CYS D 88 -4.33 5.97 -10.90
C CYS D 88 -3.23 5.38 -10.05
N ALA D 89 -3.55 5.03 -8.81
CA ALA D 89 -2.59 4.48 -7.87
C ALA D 89 -3.07 3.12 -7.37
N VAL D 90 -2.16 2.15 -7.35
CA VAL D 90 -2.46 0.79 -6.93
C VAL D 90 -1.39 0.34 -5.94
N ASN D 91 -1.82 -0.28 -4.84
CA ASN D 91 -0.90 -0.74 -3.81
C ASN D 91 -0.48 -2.18 -4.12
N PHE D 92 0.82 -2.38 -4.28
CA PHE D 92 1.39 -3.70 -4.58
C PHE D 92 1.90 -4.41 -3.34
N GLY D 93 1.36 -4.09 -2.17
CA GLY D 93 1.80 -4.72 -0.93
C GLY D 93 2.75 -3.85 -0.14
N GLY D 94 2.48 -3.70 1.16
CA GLY D 94 3.33 -2.85 1.98
C GLY D 94 3.26 -1.41 1.52
N GLY D 95 4.42 -0.79 1.37
CA GLY D 95 4.52 0.58 0.93
C GLY D 95 4.69 0.77 -0.56
N LYS D 96 4.59 -0.30 -1.35
CA LYS D 96 4.75 -0.21 -2.80
C LYS D 96 3.45 0.31 -3.41
N LEU D 97 3.24 1.61 -3.28
CA LEU D 97 2.10 2.31 -3.87
C LEU D 97 2.56 2.89 -5.20
N ILE D 98 2.10 2.31 -6.30
CA ILE D 98 2.59 2.62 -7.63
C ILE D 98 1.52 3.38 -8.41
N PHE D 99 1.97 4.38 -9.17
CA PHE D 99 1.09 5.20 -9.99
C PHE D 99 1.28 4.88 -11.46
N GLY D 100 0.23 5.13 -12.24
CA GLY D 100 0.31 5.05 -13.68
C GLY D 100 0.94 6.32 -14.26
N GLN D 101 0.93 6.38 -15.59
CA GLN D 101 1.52 7.54 -16.27
C GLN D 101 0.62 8.76 -16.18
N GLY D 102 -0.67 8.58 -15.91
CA GLY D 102 -1.60 9.69 -15.81
C GLY D 102 -2.30 9.98 -17.13
N THR D 103 -3.56 10.38 -17.06
CA THR D 103 -4.36 10.71 -18.24
C THR D 103 -4.70 12.19 -18.19
N GLU D 104 -4.22 12.96 -19.17
CA GLU D 104 -4.54 14.38 -19.23
C GLU D 104 -5.95 14.54 -19.81
N LEU D 105 -6.81 15.23 -19.07
CA LEU D 105 -8.18 15.50 -19.50
C LEU D 105 -8.30 16.97 -19.85
N SER D 106 -8.85 17.25 -21.03
CA SER D 106 -9.04 18.62 -21.51
C SER D 106 -10.51 18.79 -21.86
N VAL D 107 -11.26 19.47 -20.97
CA VAL D 107 -12.67 19.76 -21.21
C VAL D 107 -12.75 21.00 -22.09
N LYS D 108 -13.11 20.81 -23.36
CA LYS D 108 -13.12 21.90 -24.31
C LYS D 108 -14.29 22.84 -24.01
N PRO D 109 -14.07 24.15 -23.97
CA PRO D 109 -15.18 25.08 -23.72
C PRO D 109 -15.94 25.38 -25.00
N ASN D 110 -17.20 25.78 -24.82
CA ASN D 110 -18.09 26.11 -25.94
C ASN D 110 -17.98 27.61 -26.23
N ILE D 111 -17.32 27.94 -27.34
CA ILE D 111 -17.21 29.32 -27.80
C ILE D 111 -18.47 29.63 -28.61
N GLN D 112 -19.41 30.37 -28.01
CA GLN D 112 -20.71 30.56 -28.65
C GLN D 112 -20.60 31.40 -29.91
N ASN D 113 -19.87 32.52 -29.84
CA ASN D 113 -19.73 33.45 -30.96
C ASN D 113 -18.26 33.58 -31.33
N PRO D 114 -17.73 32.64 -32.12
CA PRO D 114 -16.33 32.75 -32.55
C PRO D 114 -16.10 34.02 -33.36
N ASP D 115 -15.02 34.73 -33.04
CA ASP D 115 -14.68 35.99 -33.69
C ASP D 115 -13.17 36.02 -33.96
N PRO D 116 -12.72 35.23 -34.93
CA PRO D 116 -11.26 35.13 -35.18
C PRO D 116 -10.68 36.47 -35.62
N ALA D 117 -9.47 36.74 -35.14
CA ALA D 117 -8.76 37.98 -35.46
C ALA D 117 -7.31 37.84 -35.05
N VAL D 118 -6.43 38.49 -35.81
CA VAL D 118 -5.00 38.50 -35.53
C VAL D 118 -4.60 39.95 -35.27
N TYR D 119 -4.32 40.26 -34.01
CA TYR D 119 -4.03 41.63 -33.59
C TYR D 119 -2.53 41.83 -33.38
N ALA D 120 -2.14 43.09 -33.28
CA ALA D 120 -0.76 43.49 -33.03
C ALA D 120 -0.75 44.40 -31.81
N LEU D 121 0.10 44.07 -30.83
CA LEU D 121 0.20 44.82 -29.59
C LEU D 121 1.56 45.52 -29.52
N ARG D 122 1.54 46.81 -29.17
CA ARG D 122 2.76 47.57 -28.97
C ARG D 122 3.16 47.53 -27.50
N ASP D 123 4.46 47.33 -27.25
CA ASP D 123 4.93 47.24 -25.88
C ASP D 123 4.87 48.61 -25.21
N SER D 124 5.21 48.63 -23.93
CA SER D 124 5.11 49.84 -23.13
C SER D 124 6.32 50.75 -23.31
N LYS D 125 7.28 50.35 -24.15
CA LYS D 125 8.58 51.01 -24.31
C LYS D 125 9.58 50.60 -23.24
N SER D 126 9.15 49.76 -22.29
CA SER D 126 10.07 49.29 -21.24
C SER D 126 10.93 48.20 -21.87
N SER D 127 10.34 47.34 -22.70
CA SER D 127 11.07 46.43 -23.56
C SER D 127 10.98 46.93 -25.00
N ASP D 128 11.43 46.11 -25.95
CA ASP D 128 11.35 46.48 -27.37
C ASP D 128 11.16 45.21 -28.18
N LYS D 129 9.90 44.80 -28.34
CA LYS D 129 9.51 43.68 -29.18
C LYS D 129 8.17 44.04 -29.81
N SER D 130 7.47 43.04 -30.33
CA SER D 130 6.11 43.21 -30.83
C SER D 130 5.47 41.83 -30.91
N VAL D 131 4.22 41.74 -30.45
CA VAL D 131 3.56 40.46 -30.33
C VAL D 131 2.27 40.45 -31.15
N CYS D 132 1.90 39.27 -31.61
CA CYS D 132 0.67 39.03 -32.35
C CYS D 132 -0.23 38.12 -31.54
N LEU D 133 -1.54 38.29 -31.71
CA LEU D 133 -2.53 37.65 -30.85
C LEU D 133 -3.57 36.93 -31.68
N PHE D 134 -3.47 35.59 -31.74
CA PHE D 134 -4.55 34.75 -32.25
C PHE D 134 -5.56 34.56 -31.13
N THR D 135 -6.74 35.16 -31.27
CA THR D 135 -7.71 35.17 -30.18
C THR D 135 -9.12 34.95 -30.70
N ASP D 136 -10.00 34.58 -29.77
CA ASP D 136 -11.43 34.37 -30.04
C ASP D 136 -11.66 33.33 -31.13
N PHE D 137 -10.79 32.32 -31.20
CA PHE D 137 -10.99 31.23 -32.13
C PHE D 137 -12.02 30.24 -31.60
N ASP D 138 -12.62 29.49 -32.52
CA ASP D 138 -13.48 28.38 -32.12
C ASP D 138 -12.62 27.29 -31.49
N SER D 139 -13.15 26.65 -30.44
CA SER D 139 -12.39 25.66 -29.69
C SER D 139 -11.97 24.47 -30.55
N GLN D 140 -12.51 24.32 -31.75
CA GLN D 140 -12.09 23.23 -32.62
C GLN D 140 -10.74 23.51 -33.27
N THR D 141 -10.39 24.79 -33.43
CA THR D 141 -9.15 25.15 -34.09
C THR D 141 -7.96 24.91 -33.17
N ASN D 142 -6.85 24.43 -33.75
CA ASN D 142 -5.61 24.22 -33.02
C ASN D 142 -4.49 24.99 -33.70
N VAL D 143 -3.47 25.35 -32.93
CA VAL D 143 -2.38 26.20 -33.40
C VAL D 143 -1.06 25.46 -33.30
N SER D 144 -0.17 25.75 -34.25
CA SER D 144 1.21 25.27 -34.23
C SER D 144 2.12 26.41 -34.68
N GLN D 145 3.43 26.19 -34.57
CA GLN D 145 4.37 27.30 -34.62
C GLN D 145 5.50 27.09 -35.62
N SER D 146 6.44 28.04 -35.59
CA SER D 146 7.80 27.90 -36.07
C SER D 146 8.16 27.73 -37.55
N LYS D 147 7.59 28.57 -38.42
CA LYS D 147 8.12 28.68 -39.78
C LYS D 147 9.63 28.87 -39.83
N ASP D 148 10.10 30.02 -39.34
CA ASP D 148 11.51 30.24 -39.05
C ASP D 148 11.70 30.01 -37.55
N SER D 149 12.45 28.97 -37.20
CA SER D 149 12.60 28.55 -35.81
C SER D 149 12.94 29.70 -34.86
N ASP D 150 13.44 30.81 -35.41
CA ASP D 150 13.65 32.04 -34.66
C ASP D 150 12.33 32.80 -34.41
N VAL D 151 11.18 32.15 -34.48
CA VAL D 151 9.91 32.75 -34.10
C VAL D 151 9.31 31.90 -32.99
N TYR D 152 8.41 32.50 -32.21
CA TYR D 152 7.82 31.84 -31.04
C TYR D 152 6.31 32.01 -31.04
N ILE D 153 5.59 30.89 -30.96
CA ILE D 153 4.14 30.89 -30.82
C ILE D 153 3.78 29.93 -29.68
N THR D 154 2.73 30.27 -28.95
CA THR D 154 2.24 29.43 -27.86
C THR D 154 1.02 28.64 -28.32
N ASP D 155 0.68 27.61 -27.54
CA ASP D 155 -0.54 26.85 -27.80
C ASP D 155 -1.76 27.67 -27.42
N LYS D 156 -2.93 27.18 -27.83
CA LYS D 156 -4.17 27.88 -27.53
C LYS D 156 -4.42 27.90 -26.03
N CYS D 157 -5.09 28.95 -25.58
CA CYS D 157 -5.19 29.28 -24.16
C CYS D 157 -6.57 29.83 -23.88
N VAL D 158 -7.32 29.16 -23.01
CA VAL D 158 -8.71 29.51 -22.73
C VAL D 158 -8.74 30.40 -21.50
N LEU D 159 -9.15 31.65 -21.68
CA LEU D 159 -9.40 32.57 -20.58
C LEU D 159 -10.89 32.70 -20.33
N ASP D 160 -11.24 33.11 -19.12
CA ASP D 160 -12.63 33.17 -18.68
C ASP D 160 -12.87 34.47 -17.92
N MET D 161 -13.58 35.40 -18.56
CA MET D 161 -14.07 36.60 -17.87
C MET D 161 -15.31 36.18 -17.09
N ARG D 162 -15.08 35.78 -15.84
CA ARG D 162 -16.12 35.12 -15.04
C ARG D 162 -17.27 36.04 -14.65
N SER D 163 -17.14 37.35 -14.88
CA SER D 163 -18.24 38.27 -14.62
C SER D 163 -19.03 38.62 -15.87
N MET D 164 -18.57 38.20 -17.05
CA MET D 164 -19.29 38.42 -18.30
C MET D 164 -19.85 37.15 -18.90
N ASP D 165 -19.68 36.00 -18.23
CA ASP D 165 -20.12 34.70 -18.74
C ASP D 165 -19.58 34.46 -20.15
N PHE D 166 -18.28 34.72 -20.29
CA PHE D 166 -17.62 34.77 -21.60
C PHE D 166 -16.28 34.05 -21.52
N LYS D 167 -15.98 33.28 -22.56
CA LYS D 167 -14.73 32.55 -22.66
C LYS D 167 -14.22 32.64 -24.10
N SER D 168 -12.91 32.53 -24.25
CA SER D 168 -12.29 32.65 -25.57
C SER D 168 -10.92 32.01 -25.55
N ASN D 169 -10.51 31.47 -26.70
CA ASN D 169 -9.18 30.92 -26.87
C ASN D 169 -8.20 32.03 -27.24
N SER D 170 -6.92 31.81 -26.92
CA SER D 170 -5.91 32.83 -27.13
C SER D 170 -4.59 32.18 -27.50
N ALA D 171 -3.82 32.88 -28.34
CA ALA D 171 -2.50 32.43 -28.74
C ALA D 171 -1.65 33.66 -29.02
N VAL D 172 -0.37 33.59 -28.66
CA VAL D 172 0.55 34.72 -28.75
C VAL D 172 1.72 34.33 -29.65
N ALA D 173 2.21 35.30 -30.43
CA ALA D 173 3.31 35.08 -31.34
C ALA D 173 4.22 36.31 -31.34
N TRP D 174 5.53 36.07 -31.36
CA TRP D 174 6.51 37.15 -31.39
C TRP D 174 7.84 36.60 -31.90
N SER D 175 8.69 37.49 -32.40
CA SER D 175 9.97 37.10 -32.97
C SER D 175 10.87 38.33 -33.08
N ASN D 176 12.06 38.12 -33.62
CA ASN D 176 13.06 39.17 -33.84
C ASN D 176 13.44 39.15 -35.32
N LYS D 177 12.75 39.95 -36.12
CA LYS D 177 12.94 39.95 -37.57
C LYS D 177 12.39 41.25 -38.14
N ASP D 178 12.46 41.36 -39.47
CA ASP D 178 11.59 42.29 -40.18
C ASP D 178 10.16 41.76 -40.08
N PHE D 179 9.55 41.87 -38.90
CA PHE D 179 8.41 41.03 -38.56
C PHE D 179 7.12 41.58 -39.17
N ALA D 180 6.12 40.72 -39.23
CA ALA D 180 4.79 41.08 -39.71
C ALA D 180 3.77 40.18 -39.04
N CYS D 181 2.85 40.77 -38.27
CA CYS D 181 1.82 39.98 -37.59
C CYS D 181 0.84 39.34 -38.57
N ALA D 182 0.95 39.64 -39.87
CA ALA D 182 0.08 39.02 -40.85
C ALA D 182 0.53 37.60 -41.18
N ASN D 183 1.84 37.38 -41.34
CA ASN D 183 2.36 36.10 -41.75
C ASN D 183 2.73 35.18 -40.59
N ALA D 184 2.29 35.51 -39.37
CA ALA D 184 2.59 34.65 -38.23
C ALA D 184 1.82 33.34 -38.25
N PHE D 185 1.04 33.06 -39.30
CA PHE D 185 0.18 31.90 -39.30
C PHE D 185 0.82 30.71 -40.01
N ASN D 186 0.35 29.52 -39.64
CA ASN D 186 0.52 28.30 -40.43
C ASN D 186 -0.71 27.43 -40.39
N ASN D 187 -1.56 27.60 -39.39
CA ASN D 187 -2.66 26.70 -39.12
C ASN D 187 -3.90 27.14 -39.88
N SER D 188 -4.96 26.35 -39.74
CA SER D 188 -6.24 26.67 -40.34
C SER D 188 -6.84 27.89 -39.65
N ILE D 189 -7.07 28.95 -40.42
CA ILE D 189 -7.61 30.19 -39.87
C ILE D 189 -9.10 30.28 -40.13
N ILE E 1 -5.40 21.67 11.24
CA ILE E 1 -4.10 22.30 10.99
C ILE E 1 -3.06 21.21 10.74
N ALA E 2 -3.44 19.96 11.02
CA ALA E 2 -2.53 18.84 10.81
C ALA E 2 -2.40 18.53 9.32
N GLY E 3 -1.17 18.56 8.82
CA GLY E 3 -0.92 18.28 7.42
C GLY E 3 0.49 17.79 7.17
N ILE E 4 0.87 17.73 5.90
CA ILE E 4 2.21 17.30 5.49
C ILE E 4 2.88 18.45 4.74
N THR E 5 4.14 18.71 5.07
CA THR E 5 4.86 19.87 4.56
C THR E 5 6.20 19.45 3.98
N GLN E 6 6.53 20.00 2.82
CA GLN E 6 7.82 19.77 2.17
C GLN E 6 8.66 21.04 2.20
N ALA E 7 9.98 20.86 2.22
CA ALA E 7 10.91 21.97 2.21
C ALA E 7 12.27 21.52 1.68
N PRO E 8 12.88 22.31 0.79
CA PRO E 8 12.35 23.58 0.27
C PRO E 8 11.33 23.39 -0.85
N THR E 9 10.70 24.49 -1.27
CA THR E 9 9.75 24.43 -2.37
C THR E 9 10.43 24.48 -3.73
N SER E 10 11.65 25.03 -3.80
CA SER E 10 12.40 25.08 -5.04
C SER E 10 13.89 25.08 -4.70
N GLN E 11 14.69 24.50 -5.58
CA GLN E 11 16.11 24.39 -5.34
C GLN E 11 16.84 24.22 -6.67
N ILE E 12 17.97 24.90 -6.82
CA ILE E 12 18.84 24.77 -7.98
C ILE E 12 20.18 24.26 -7.48
N LEU E 13 20.55 23.06 -7.94
CA LEU E 13 21.75 22.38 -7.48
C LEU E 13 22.83 22.40 -8.55
N ALA E 14 24.06 22.67 -8.13
CA ALA E 14 25.21 22.42 -8.99
C ALA E 14 25.53 20.93 -8.97
N ALA E 15 25.92 20.41 -10.14
CA ALA E 15 26.17 18.99 -10.27
C ALA E 15 27.29 18.54 -9.35
N GLY E 16 27.10 17.39 -8.70
CA GLY E 16 28.08 16.81 -7.81
C GLY E 16 27.82 17.06 -6.33
N ARG E 17 26.98 18.03 -6.00
CA ARG E 17 26.71 18.37 -4.61
C ARG E 17 25.61 17.48 -4.04
N ARG E 18 25.67 17.26 -2.73
CA ARG E 18 24.63 16.54 -2.01
C ARG E 18 23.52 17.49 -1.58
N MET E 19 22.32 16.93 -1.40
CA MET E 19 21.15 17.72 -1.05
C MET E 19 20.15 16.83 -0.32
N THR E 20 19.44 17.42 0.64
CA THR E 20 18.44 16.71 1.42
C THR E 20 17.13 17.48 1.38
N LEU E 21 16.06 16.84 0.92
CA LEU E 21 14.73 17.43 0.91
C LEU E 21 14.00 17.05 2.19
N ARG E 22 13.45 18.05 2.87
CA ARG E 22 12.76 17.83 4.13
C ARG E 22 11.28 17.53 3.89
N CYS E 23 10.74 16.67 4.75
CA CYS E 23 9.31 16.35 4.73
C CYS E 23 8.89 15.98 6.14
N THR E 24 7.80 16.61 6.61
CA THR E 24 7.29 16.36 7.94
C THR E 24 5.76 16.37 7.93
N GLN E 25 5.17 15.52 8.74
CA GLN E 25 3.72 15.45 8.90
C GLN E 25 3.40 15.20 10.36
N ASP E 26 2.34 15.86 10.84
CA ASP E 26 1.90 15.73 12.22
C ASP E 26 0.55 15.03 12.34
N MET E 27 0.16 14.26 11.34
CA MET E 27 -1.10 13.54 11.33
C MET E 27 -1.02 12.18 12.00
N ARG E 28 0.10 11.88 12.68
CA ARG E 28 0.35 10.58 13.30
C ARG E 28 0.27 9.45 12.27
N HIS E 29 0.66 9.73 11.03
CA HIS E 29 0.67 8.72 9.98
C HIS E 29 1.90 7.83 10.13
N ASN E 30 1.69 6.53 9.92
CA ASN E 30 2.78 5.57 10.04
C ASN E 30 3.57 5.40 8.76
N ALA E 31 2.92 5.49 7.61
CA ALA E 31 3.56 5.26 6.32
C ALA E 31 3.84 6.58 5.60
N MET E 32 5.02 6.69 5.01
CA MET E 32 5.41 7.86 4.25
C MET E 32 6.10 7.42 2.96
N TYR E 33 6.03 8.28 1.94
CA TYR E 33 6.50 7.95 0.61
C TYR E 33 7.26 9.12 0.01
N TRP E 34 8.14 8.80 -0.95
CA TRP E 34 8.80 9.81 -1.77
C TRP E 34 8.64 9.43 -3.23
N TYR E 35 8.22 10.40 -4.06
CA TYR E 35 8.04 10.20 -5.49
C TYR E 35 8.79 11.28 -6.24
N ARG E 36 9.10 10.97 -7.51
CA ARG E 36 9.59 11.96 -8.46
C ARG E 36 8.67 11.96 -9.67
N GLN E 37 8.44 13.14 -10.23
CA GLN E 37 7.56 13.30 -11.39
C GLN E 37 8.27 14.13 -12.44
N ASP E 38 8.55 13.53 -13.59
CA ASP E 38 9.14 14.23 -14.73
C ASP E 38 8.06 14.55 -15.75
N LEU E 39 8.39 15.50 -16.64
CA LEU E 39 7.46 15.92 -17.68
C LEU E 39 7.28 14.86 -18.77
N GLY E 40 7.73 13.62 -18.58
CA GLY E 40 7.60 12.60 -19.61
C GLY E 40 6.77 11.41 -19.18
N LEU E 41 6.55 11.25 -17.88
CA LEU E 41 5.73 10.15 -17.36
C LEU E 41 5.03 10.64 -16.11
N GLY E 42 4.59 9.70 -15.27
CA GLY E 42 3.88 10.00 -14.05
C GLY E 42 4.76 9.92 -12.83
N LEU E 43 4.17 9.56 -11.70
CA LEU E 43 4.89 9.48 -10.44
C LEU E 43 5.61 8.13 -10.34
N ARG E 44 6.87 8.17 -9.93
CA ARG E 44 7.68 6.97 -9.75
C ARG E 44 8.14 6.90 -8.29
N LEU E 45 7.87 5.77 -7.65
CA LEU E 45 8.19 5.59 -6.24
C LEU E 45 9.70 5.48 -6.04
N ILE E 46 10.24 6.35 -5.19
CA ILE E 46 11.67 6.32 -4.88
C ILE E 46 11.90 5.45 -3.66
N HIS E 47 11.34 5.84 -2.53
CA HIS E 47 11.44 5.07 -1.29
C HIS E 47 10.12 5.17 -0.54
N TYR E 48 9.89 4.18 0.33
CA TYR E 48 8.73 4.19 1.21
C TYR E 48 9.16 3.80 2.61
N SER E 49 8.22 3.95 3.55
CA SER E 49 8.44 3.59 4.94
C SER E 49 7.09 3.20 5.54
N ASN E 50 7.01 2.00 6.10
CA ASN E 50 5.74 1.53 6.66
C ASN E 50 5.50 2.08 8.06
N THR E 51 6.55 2.13 8.88
CA THR E 51 6.45 2.60 10.25
C THR E 51 7.68 3.45 10.58
N ALA E 52 7.67 4.04 11.77
CA ALA E 52 8.86 4.71 12.26
C ALA E 52 9.97 3.70 12.53
N GLY E 53 11.17 4.02 12.07
CA GLY E 53 12.32 3.15 12.28
C GLY E 53 12.64 2.20 11.15
N THR E 54 11.80 2.15 10.10
CA THR E 54 12.02 1.24 8.98
C THR E 54 11.89 2.00 7.66
N THR E 55 12.55 1.46 6.63
CA THR E 55 12.48 2.03 5.29
C THR E 55 12.34 0.89 4.28
N GLY E 56 12.02 1.27 3.05
CA GLY E 56 11.92 0.33 1.96
C GLY E 56 12.34 0.98 0.66
N LYS E 57 12.59 0.15 -0.34
CA LYS E 57 13.01 0.61 -1.65
C LYS E 57 11.83 0.58 -2.63
N GLY E 58 11.69 1.65 -3.39
CA GLY E 58 10.60 1.80 -4.33
C GLY E 58 10.97 1.37 -5.74
N GLU E 59 10.38 2.08 -6.72
CA GLU E 59 10.64 1.75 -8.12
C GLU E 59 12.03 2.19 -8.55
N VAL E 60 12.40 3.44 -8.25
CA VAL E 60 13.68 3.98 -8.69
C VAL E 60 14.47 4.48 -7.49
N PRO E 61 14.97 3.59 -6.62
CA PRO E 61 15.73 4.04 -5.45
C PRO E 61 17.17 4.41 -5.76
N ASP E 62 17.66 4.09 -6.96
CA ASP E 62 19.07 4.30 -7.29
C ASP E 62 19.39 5.79 -7.31
N GLY E 63 20.38 6.19 -6.52
CA GLY E 63 20.78 7.57 -6.42
C GLY E 63 20.16 8.34 -5.28
N TYR E 64 19.26 7.73 -4.52
CA TYR E 64 18.60 8.39 -3.40
C TYR E 64 18.71 7.53 -2.15
N SER E 65 18.43 8.15 -1.01
CA SER E 65 18.42 7.45 0.26
C SER E 65 17.49 8.18 1.22
N VAL E 66 16.92 7.43 2.16
CA VAL E 66 15.99 7.98 3.14
C VAL E 66 16.30 7.43 4.52
N SER E 67 15.80 8.12 5.53
CA SER E 67 15.84 7.66 6.91
C SER E 67 14.52 7.98 7.56
N ARG E 68 14.17 7.19 8.59
CA ARG E 68 12.92 7.34 9.32
C ARG E 68 13.22 7.19 10.81
N ALA E 69 13.85 8.21 11.39
CA ALA E 69 14.22 8.15 12.80
C ALA E 69 13.01 8.30 13.70
N ASN E 70 11.97 9.02 13.26
CA ASN E 70 10.76 9.22 14.05
C ASN E 70 9.55 9.19 13.11
N THR E 71 8.37 9.37 13.70
CA THR E 71 7.13 9.23 12.94
C THR E 71 6.89 10.41 12.00
N ASP E 72 7.34 11.60 12.38
CA ASP E 72 6.95 12.81 11.64
C ASP E 72 7.83 13.06 10.42
N ASP E 73 9.14 12.82 10.53
CA ASP E 73 10.09 13.23 9.51
C ASP E 73 10.44 12.07 8.57
N PHE E 74 10.81 12.43 7.35
CA PHE E 74 11.19 11.46 6.32
C PHE E 74 12.04 12.15 5.26
N PRO E 75 13.29 12.48 5.56
CA PRO E 75 14.11 13.25 4.61
C PRO E 75 14.61 12.39 3.46
N LEU E 76 14.63 12.99 2.27
CA LEU E 76 15.16 12.38 1.06
C LEU E 76 16.48 13.03 0.72
N THR E 77 17.55 12.24 0.66
CA THR E 77 18.91 12.74 0.48
C THR E 77 19.47 12.28 -0.86
N LEU E 78 20.06 13.22 -1.60
CA LEU E 78 20.71 12.93 -2.87
C LEU E 78 22.21 12.85 -2.64
N ALA E 79 22.79 11.70 -3.00
CA ALA E 79 24.22 11.48 -2.76
C ALA E 79 25.07 12.42 -3.63
N SER E 80 24.90 12.33 -4.95
CA SER E 80 25.66 13.15 -5.88
C SER E 80 24.71 13.66 -6.94
N ALA E 81 24.56 14.98 -7.03
CA ALA E 81 23.60 15.59 -7.95
C ALA E 81 23.95 15.27 -9.40
N VAL E 82 22.98 14.72 -10.12
CA VAL E 82 23.13 14.37 -11.53
C VAL E 82 22.00 15.04 -12.29
N PRO E 83 22.25 15.59 -13.49
CA PRO E 83 21.15 16.22 -14.24
C PRO E 83 19.96 15.29 -14.49
N SER E 84 20.16 13.98 -14.48
CA SER E 84 19.03 13.06 -14.62
C SER E 84 18.09 13.12 -13.43
N GLN E 85 18.54 13.66 -12.30
CA GLN E 85 17.71 13.81 -11.11
C GLN E 85 16.90 15.09 -11.12
N THR E 86 16.95 15.86 -12.20
CA THR E 86 16.10 17.05 -12.33
C THR E 86 14.66 16.61 -12.50
N SER E 87 13.80 16.97 -11.54
CA SER E 87 12.42 16.52 -11.52
C SER E 87 11.67 17.29 -10.45
N VAL E 88 10.40 16.94 -10.26
CA VAL E 88 9.57 17.45 -9.18
C VAL E 88 9.38 16.31 -8.19
N TYR E 89 9.71 16.56 -6.92
CA TYR E 89 9.69 15.54 -5.88
C TYR E 89 8.50 15.78 -4.95
N PHE E 90 7.67 14.75 -4.79
CA PHE E 90 6.50 14.80 -3.92
C PHE E 90 6.68 13.85 -2.76
N CYS E 91 6.47 14.35 -1.55
CA CYS E 91 6.42 13.52 -0.35
C CYS E 91 4.97 13.26 0.00
N ALA E 92 4.69 12.04 0.48
CA ALA E 92 3.33 11.65 0.81
C ALA E 92 3.33 10.82 2.09
N SER E 93 2.16 10.72 2.69
CA SER E 93 1.99 9.92 3.90
C SER E 93 0.60 9.30 3.90
N SER E 94 0.50 8.13 4.53
CA SER E 94 -0.76 7.45 4.74
C SER E 94 -0.83 6.97 6.18
N LEU E 95 -2.05 6.83 6.69
CA LEU E 95 -2.24 6.40 8.07
C LEU E 95 -1.54 5.06 8.32
N SER E 96 -1.74 4.11 7.43
CA SER E 96 -1.02 2.84 7.47
C SER E 96 -0.80 2.40 6.03
N PHE E 97 0.05 1.38 5.87
CA PHE E 97 0.34 0.87 4.54
C PHE E 97 -0.94 0.35 3.89
N GLY E 98 -1.17 0.75 2.64
CA GLY E 98 -2.35 0.35 1.91
C GLY E 98 -3.47 1.36 1.88
N THR E 99 -3.43 2.38 2.73
CA THR E 99 -4.49 3.38 2.76
C THR E 99 -4.13 4.58 1.89
N GLU E 100 -5.04 5.53 1.81
CA GLU E 100 -4.88 6.68 0.92
C GLU E 100 -3.68 7.52 1.32
N ALA E 101 -2.96 8.03 0.32
CA ALA E 101 -1.78 8.84 0.54
C ALA E 101 -2.13 10.32 0.40
N PHE E 102 -1.62 11.13 1.33
CA PHE E 102 -1.79 12.58 1.32
C PHE E 102 -0.47 13.20 0.89
N PHE E 103 -0.49 14.01 -0.17
CA PHE E 103 0.71 14.54 -0.78
C PHE E 103 1.05 15.92 -0.23
N GLY E 104 2.35 16.25 -0.30
CA GLY E 104 2.82 17.58 0.04
C GLY E 104 2.78 18.51 -1.16
N GLN E 105 3.26 19.74 -0.93
CA GLN E 105 3.21 20.75 -1.99
C GLN E 105 4.09 20.37 -3.16
N GLY E 106 5.20 19.69 -2.92
CA GLY E 106 6.14 19.33 -3.96
C GLY E 106 7.35 20.23 -3.96
N THR E 107 8.44 19.72 -4.53
CA THR E 107 9.71 20.44 -4.61
C THR E 107 10.21 20.40 -6.04
N ARG E 108 10.38 21.58 -6.64
CA ARG E 108 10.90 21.69 -8.00
C ARG E 108 12.42 21.74 -7.92
N LEU E 109 13.08 20.67 -8.35
CA LEU E 109 14.53 20.54 -8.27
C LEU E 109 15.12 20.50 -9.66
N THR E 110 16.14 21.32 -9.89
CA THR E 110 16.84 21.38 -11.17
C THR E 110 18.34 21.31 -10.91
N VAL E 111 18.99 20.30 -11.49
CA VAL E 111 20.43 20.10 -11.34
C VAL E 111 21.09 20.60 -12.62
N VAL E 112 21.84 21.70 -12.51
CA VAL E 112 22.53 22.30 -13.64
C VAL E 112 24.02 22.03 -13.50
N GLU E 113 24.70 21.89 -14.64
CA GLU E 113 26.13 21.61 -14.61
C GLU E 113 26.93 22.82 -14.15
N ASP E 114 26.39 24.03 -14.32
CA ASP E 114 27.09 25.24 -13.92
C ASP E 114 26.07 26.27 -13.50
N LEU E 115 26.46 27.09 -12.52
CA LEU E 115 25.60 28.14 -11.97
C LEU E 115 25.67 29.44 -12.74
N ASN E 116 26.56 29.55 -13.73
CA ASN E 116 26.60 30.72 -14.59
C ASN E 116 25.46 30.76 -15.60
N LYS E 117 24.71 29.67 -15.73
CA LYS E 117 23.62 29.57 -16.70
C LYS E 117 22.27 29.97 -16.14
N VAL E 118 22.21 30.44 -14.90
CA VAL E 118 20.95 30.88 -14.31
C VAL E 118 20.74 32.35 -14.64
N PHE E 119 19.54 32.68 -15.10
CA PHE E 119 19.20 34.05 -15.46
C PHE E 119 17.79 34.37 -15.00
N PRO E 120 17.56 35.58 -14.49
CA PRO E 120 16.19 35.98 -14.14
C PRO E 120 15.43 36.41 -15.37
N PRO E 121 14.10 36.38 -15.33
CA PRO E 121 13.31 36.73 -16.52
C PRO E 121 13.29 38.24 -16.75
N GLU E 122 12.85 38.61 -17.94
CA GLU E 122 12.61 40.00 -18.32
C GLU E 122 11.14 40.14 -18.65
N VAL E 123 10.44 41.02 -17.94
CA VAL E 123 8.99 41.13 -18.03
C VAL E 123 8.63 42.35 -18.87
N ALA E 124 7.59 42.20 -19.70
CA ALA E 124 7.10 43.28 -20.54
C ALA E 124 5.60 43.14 -20.70
N VAL E 125 4.87 44.23 -20.49
CA VAL E 125 3.42 44.24 -20.64
C VAL E 125 3.08 44.95 -21.94
N PHE E 126 2.41 44.24 -22.84
CA PHE E 126 2.03 44.78 -24.14
C PHE E 126 0.60 45.30 -24.08
N GLU E 127 0.40 46.53 -24.53
CA GLU E 127 -0.90 47.17 -24.43
C GLU E 127 -1.85 46.62 -25.50
N PRO E 128 -3.16 46.68 -25.25
CA PRO E 128 -4.13 46.13 -26.21
C PRO E 128 -4.02 46.77 -27.59
N SER E 129 -4.59 46.07 -28.57
CA SER E 129 -4.58 46.52 -29.95
C SER E 129 -5.74 47.46 -30.22
N GLU E 130 -5.49 48.46 -31.08
CA GLU E 130 -6.53 49.43 -31.42
C GLU E 130 -7.74 48.76 -32.04
N ALA E 131 -7.54 47.67 -32.79
CA ALA E 131 -8.68 47.00 -33.41
C ALA E 131 -9.46 46.18 -32.40
N GLU E 132 -8.78 45.62 -31.38
CA GLU E 132 -9.47 44.78 -30.41
C GLU E 132 -10.54 45.56 -29.66
N ILE E 133 -10.24 46.80 -29.28
CA ILE E 133 -11.23 47.61 -28.59
C ILE E 133 -12.39 47.96 -29.53
N SER E 134 -12.08 48.33 -30.77
CA SER E 134 -13.12 48.70 -31.72
C SER E 134 -13.98 47.51 -32.10
N HIS E 135 -13.36 46.37 -32.39
CA HIS E 135 -14.10 45.19 -32.81
C HIS E 135 -14.91 44.60 -31.66
N THR E 136 -14.23 44.20 -30.58
CA THR E 136 -14.79 43.32 -29.57
C THR E 136 -15.26 44.04 -28.31
N GLN E 137 -14.95 45.32 -28.15
CA GLN E 137 -15.12 46.02 -26.87
C GLN E 137 -14.36 45.32 -25.75
N LYS E 138 -13.27 44.63 -26.12
CA LYS E 138 -12.41 43.94 -25.17
C LYS E 138 -10.98 44.45 -25.33
N ALA E 139 -10.16 44.18 -24.32
CA ALA E 139 -8.78 44.65 -24.30
C ALA E 139 -7.91 43.57 -23.66
N THR E 140 -7.07 42.93 -24.47
CA THR E 140 -6.17 41.89 -24.00
C THR E 140 -4.81 42.49 -23.69
N LEU E 141 -4.29 42.18 -22.50
CA LEU E 141 -2.94 42.55 -22.10
C LEU E 141 -2.09 41.29 -22.07
N VAL E 142 -1.08 41.24 -22.93
CA VAL E 142 -0.20 40.09 -23.05
C VAL E 142 1.10 40.38 -22.34
N CYS E 143 1.56 39.43 -21.53
CA CYS E 143 2.80 39.55 -20.79
C CYS E 143 3.81 38.51 -21.29
N LEU E 144 5.07 38.93 -21.41
CA LEU E 144 6.14 38.06 -21.88
C LEU E 144 7.27 38.08 -20.87
N ALA E 145 7.51 36.94 -20.21
CA ALA E 145 8.68 36.73 -19.38
C ALA E 145 9.69 35.95 -20.20
N THR E 146 10.80 36.58 -20.54
CA THR E 146 11.79 36.00 -21.44
C THR E 146 13.16 35.95 -20.78
N GLY E 147 13.98 35.01 -21.25
CA GLY E 147 15.37 34.92 -20.83
C GLY E 147 15.59 34.45 -19.42
N PHE E 148 14.90 33.39 -19.00
CA PHE E 148 15.07 32.85 -17.66
C PHE E 148 15.39 31.36 -17.74
N TYR E 149 16.32 30.91 -16.89
CA TYR E 149 16.68 29.50 -16.79
C TYR E 149 17.08 29.19 -15.35
N PRO E 150 16.50 28.13 -14.77
CA PRO E 150 15.50 27.25 -15.39
C PRO E 150 14.08 27.83 -15.35
N ASP E 151 13.09 26.96 -15.53
CA ASP E 151 11.69 27.37 -15.60
C ASP E 151 11.01 27.40 -14.25
N HIS E 152 11.71 27.86 -13.20
CA HIS E 152 11.12 27.98 -11.86
C HIS E 152 10.48 29.37 -11.77
N VAL E 153 9.31 29.50 -12.39
CA VAL E 153 8.62 30.78 -12.47
C VAL E 153 7.16 30.62 -12.08
N GLU E 154 6.58 31.70 -11.56
CA GLU E 154 5.16 31.76 -11.22
C GLU E 154 4.65 33.14 -11.63
N LEU E 155 3.78 33.18 -12.65
CA LEU E 155 3.27 34.43 -13.19
C LEU E 155 1.89 34.73 -12.61
N SER E 156 1.62 36.01 -12.37
CA SER E 156 0.33 36.45 -11.86
C SER E 156 0.10 37.90 -12.27
N TRP E 157 -1.17 38.27 -12.38
CA TRP E 157 -1.58 39.62 -12.72
C TRP E 157 -2.13 40.33 -11.48
N TRP E 158 -1.96 41.65 -11.46
CA TRP E 158 -2.38 42.47 -10.33
C TRP E 158 -3.03 43.74 -10.86
N VAL E 159 -4.29 43.96 -10.49
CA VAL E 159 -5.04 45.15 -10.88
C VAL E 159 -5.39 45.92 -9.62
N ASN E 160 -4.93 47.17 -9.54
CA ASN E 160 -5.14 48.02 -8.36
C ASN E 160 -4.58 47.37 -7.10
N GLY E 161 -3.39 46.78 -7.21
CA GLY E 161 -2.76 46.15 -6.07
C GLY E 161 -3.42 44.89 -5.59
N LYS E 162 -4.40 44.36 -6.31
CA LYS E 162 -5.09 43.13 -5.95
C LYS E 162 -4.96 42.13 -7.08
N GLU E 163 -4.71 40.87 -6.72
CA GLU E 163 -4.52 39.83 -7.71
C GLU E 163 -5.87 39.42 -8.30
N VAL E 164 -5.93 39.36 -9.63
CA VAL E 164 -7.15 38.98 -10.34
C VAL E 164 -6.98 37.58 -10.90
N HIS E 165 -8.09 36.84 -10.93
CA HIS E 165 -8.11 35.50 -11.50
C HIS E 165 -9.13 35.34 -12.62
N SER E 166 -9.96 36.35 -12.88
CA SER E 166 -10.91 36.29 -13.97
C SER E 166 -10.31 36.91 -15.22
N GLY E 167 -10.58 36.28 -16.36
CA GLY E 167 -10.08 36.78 -17.63
C GLY E 167 -8.59 36.65 -17.82
N VAL E 168 -7.96 35.68 -17.16
CA VAL E 168 -6.52 35.44 -17.27
C VAL E 168 -6.28 33.96 -17.55
N CYS E 169 -5.40 33.69 -18.50
CA CYS E 169 -4.91 32.35 -18.75
C CYS E 169 -3.42 32.43 -19.08
N THR E 170 -2.65 31.49 -18.55
CA THR E 170 -1.21 31.46 -18.75
C THR E 170 -0.82 30.15 -19.44
N ASP E 171 0.29 30.20 -20.18
CA ASP E 171 0.80 28.99 -20.81
C ASP E 171 1.13 27.96 -19.74
N PRO E 172 0.73 26.70 -19.91
CA PRO E 172 1.01 25.70 -18.86
C PRO E 172 2.50 25.49 -18.61
N GLN E 173 3.29 25.32 -19.67
CA GLN E 173 4.71 25.10 -19.53
C GLN E 173 5.49 26.18 -20.28
N PRO E 174 6.59 26.67 -19.70
CA PRO E 174 7.41 27.65 -20.42
C PRO E 174 8.01 27.07 -21.69
N LEU E 175 8.18 27.93 -22.68
CA LEU E 175 8.66 27.54 -24.00
C LEU E 175 10.16 27.80 -24.11
N LYS E 176 10.87 26.85 -24.71
CA LYS E 176 12.32 26.97 -24.90
C LYS E 176 12.61 27.94 -26.04
N GLU E 177 13.41 28.97 -25.75
CA GLU E 177 13.74 29.95 -26.77
C GLU E 177 14.73 29.38 -27.78
N GLN E 178 15.55 28.41 -27.38
CA GLN E 178 16.51 27.77 -28.27
C GLN E 178 16.53 26.28 -27.96
N PRO E 179 15.68 25.50 -28.66
CA PRO E 179 15.56 24.07 -28.33
C PRO E 179 16.73 23.23 -28.80
N ALA E 180 17.79 23.86 -29.29
CA ALA E 180 18.94 23.15 -29.84
C ALA E 180 20.15 23.20 -28.92
N LEU E 181 20.00 23.71 -27.69
CA LEU E 181 21.11 23.79 -26.75
C LEU E 181 20.97 22.90 -25.52
N ASN E 182 19.74 22.52 -25.13
CA ASN E 182 19.43 21.78 -23.92
C ASN E 182 19.89 22.49 -22.65
N ASP E 183 20.41 23.71 -22.76
CA ASP E 183 20.71 24.56 -21.62
C ASP E 183 20.35 26.01 -21.91
N SER E 184 19.31 26.22 -22.72
CA SER E 184 18.90 27.54 -23.15
C SER E 184 17.81 28.08 -22.24
N ARG E 185 17.57 29.39 -22.35
CA ARG E 185 16.59 30.05 -21.51
C ARG E 185 15.17 29.74 -21.99
N TYR E 186 14.19 30.11 -21.17
CA TYR E 186 12.79 29.84 -21.45
C TYR E 186 12.03 31.14 -21.64
N ALA E 187 10.80 31.00 -22.13
CA ALA E 187 9.87 32.11 -22.30
C ALA E 187 8.48 31.69 -21.85
N LEU E 188 7.74 32.63 -21.28
CA LEU E 188 6.40 32.35 -20.78
C LEU E 188 5.47 33.49 -21.18
N SER E 189 4.27 33.13 -21.63
CA SER E 189 3.28 34.10 -22.07
C SER E 189 2.02 33.98 -21.24
N SER E 190 1.31 35.10 -21.11
CA SER E 190 0.06 35.14 -20.36
C SER E 190 -0.77 36.32 -20.85
N ARG E 191 -2.09 36.17 -20.78
CA ARG E 191 -3.02 37.18 -21.23
C ARG E 191 -3.97 37.54 -20.10
N LEU E 192 -4.26 38.84 -19.97
CA LEU E 192 -5.30 39.33 -19.08
C LEU E 192 -6.21 40.25 -19.88
N ARG E 193 -7.52 40.05 -19.75
CA ARG E 193 -8.49 40.70 -20.60
C ARG E 193 -9.60 41.31 -19.75
N VAL E 194 -9.90 42.58 -20.00
CA VAL E 194 -10.94 43.32 -19.29
C VAL E 194 -11.85 43.97 -20.31
N SER E 195 -12.97 44.51 -19.83
CA SER E 195 -13.91 45.20 -20.70
C SER E 195 -13.31 46.50 -21.22
N ALA E 196 -13.91 47.02 -22.30
CA ALA E 196 -13.45 48.29 -22.86
C ALA E 196 -13.67 49.44 -21.88
N THR E 197 -14.67 49.32 -21.02
CA THR E 197 -14.94 50.34 -20.00
C THR E 197 -13.98 50.26 -18.82
N PHE E 198 -12.97 49.40 -18.88
CA PHE E 198 -11.99 49.28 -17.81
C PHE E 198 -10.58 49.65 -18.26
N TRP E 199 -10.18 49.26 -19.46
CA TRP E 199 -8.88 49.66 -19.98
C TRP E 199 -8.83 51.13 -20.35
N GLN E 200 -9.96 51.71 -20.76
CA GLN E 200 -9.99 53.11 -21.12
C GLN E 200 -10.00 54.04 -19.91
N ASP E 201 -10.15 53.51 -18.71
CA ASP E 201 -10.05 54.33 -17.51
C ASP E 201 -8.59 54.63 -17.22
N PRO E 202 -8.16 55.89 -17.21
CA PRO E 202 -6.75 56.19 -16.91
C PRO E 202 -6.38 55.97 -15.46
N ARG E 203 -7.34 55.70 -14.57
CA ARG E 203 -7.05 55.50 -13.17
C ARG E 203 -6.41 54.15 -12.87
N ASN E 204 -6.61 53.17 -13.74
CA ASN E 204 -6.37 51.78 -13.38
C ASN E 204 -4.96 51.32 -13.75
N HIS E 205 -4.37 50.54 -12.84
CA HIS E 205 -2.99 50.09 -12.93
C HIS E 205 -2.96 48.58 -13.17
N PHE E 206 -2.17 48.15 -14.15
CA PHE E 206 -2.00 46.75 -14.47
C PHE E 206 -0.54 46.36 -14.29
N ARG E 207 -0.29 45.20 -13.68
CA ARG E 207 1.07 44.76 -13.43
C ARG E 207 1.15 43.25 -13.59
N CYS E 208 2.12 42.80 -14.40
CA CYS E 208 2.41 41.39 -14.59
C CYS E 208 3.57 41.01 -13.69
N GLN E 209 3.30 40.20 -12.68
CA GLN E 209 4.29 39.81 -11.69
C GLN E 209 4.78 38.39 -11.97
N VAL E 210 6.10 38.23 -12.06
CA VAL E 210 6.72 36.93 -12.31
C VAL E 210 7.63 36.62 -11.13
N GLN E 211 7.26 35.62 -10.34
CA GLN E 211 8.08 35.14 -9.25
C GLN E 211 9.11 34.15 -9.80
N PHE E 212 10.39 34.47 -9.65
CA PHE E 212 11.47 33.63 -10.15
C PHE E 212 12.21 33.01 -8.97
N TYR E 213 12.40 31.70 -9.02
CA TYR E 213 13.13 30.96 -8.00
C TYR E 213 14.52 30.62 -8.56
N GLY E 214 15.53 31.32 -8.06
CA GLY E 214 16.89 31.13 -8.57
C GLY E 214 17.86 30.66 -7.51
N LEU E 215 18.98 31.36 -7.37
CA LEU E 215 20.01 30.99 -6.42
C LEU E 215 19.59 31.38 -4.99
N SER E 216 20.46 31.08 -4.04
CA SER E 216 20.29 31.43 -2.64
C SER E 216 21.61 31.97 -2.11
N GLU E 217 21.53 32.62 -0.95
CA GLU E 217 22.68 33.35 -0.41
C GLU E 217 23.86 32.43 -0.11
N ALA E 218 23.58 31.25 0.45
CA ALA E 218 24.65 30.32 0.77
C ALA E 218 25.38 29.83 -0.47
N ASP E 219 24.70 29.84 -1.62
CA ASP E 219 25.35 29.47 -2.87
C ASP E 219 26.45 30.48 -3.21
N ALA E 220 27.57 29.97 -3.71
CA ALA E 220 28.73 30.80 -4.01
C ALA E 220 28.58 31.37 -5.42
N TRP E 221 28.43 32.69 -5.51
CA TRP E 221 28.36 33.39 -6.78
C TRP E 221 29.68 34.13 -6.99
N ALA E 222 30.48 33.64 -7.93
CA ALA E 222 31.79 34.22 -8.25
C ALA E 222 31.84 34.42 -9.76
N ALA E 223 31.14 35.44 -10.25
CA ALA E 223 31.10 35.73 -11.68
C ALA E 223 30.95 37.22 -11.88
N ALA E 224 31.07 37.64 -13.14
CA ALA E 224 30.96 39.04 -13.53
C ALA E 224 29.56 39.31 -14.08
N ARG E 225 28.58 39.19 -13.19
CA ARG E 225 27.16 39.36 -13.53
C ARG E 225 26.36 39.51 -12.25
N ALA E 226 25.28 40.29 -12.33
CA ALA E 226 24.35 40.42 -11.20
C ALA E 226 23.84 39.04 -10.81
N ALA E 227 23.81 38.77 -9.50
CA ALA E 227 23.43 37.45 -9.01
C ALA E 227 21.97 37.17 -9.37
N PRO E 228 21.68 36.00 -9.99
CA PRO E 228 20.29 35.65 -10.32
C PRO E 228 19.60 34.89 -9.19
N VAL E 229 19.46 35.57 -8.05
CA VAL E 229 18.86 34.97 -6.86
C VAL E 229 17.35 34.94 -7.01
N THR E 230 16.66 34.38 -6.01
CA THR E 230 15.21 34.38 -6.01
C THR E 230 14.69 35.82 -5.89
N GLN E 231 13.89 36.23 -6.87
CA GLN E 231 13.44 37.62 -6.93
C GLN E 231 12.10 37.68 -7.66
N ILE E 232 11.52 38.87 -7.67
CA ILE E 232 10.27 39.15 -8.38
C ILE E 232 10.54 40.27 -9.37
N VAL E 233 10.31 39.99 -10.65
CA VAL E 233 10.46 40.98 -11.71
C VAL E 233 9.07 41.30 -12.25
N SER E 234 8.76 42.58 -12.37
CA SER E 234 7.43 43.01 -12.77
C SER E 234 7.50 44.10 -13.82
N ALA E 235 6.54 44.08 -14.74
CA ALA E 235 6.30 45.16 -15.68
C ALA E 235 4.87 45.64 -15.52
N GLU E 236 4.64 46.93 -15.80
CA GLU E 236 3.34 47.53 -15.56
C GLU E 236 2.90 48.33 -16.78
N ALA E 237 1.62 48.71 -16.77
CA ALA E 237 1.03 49.51 -17.83
C ALA E 237 -0.22 50.20 -17.28
N TRP E 238 -0.45 51.43 -17.71
CA TRP E 238 -1.61 52.21 -17.30
C TRP E 238 -2.58 52.33 -18.46
N GLY E 239 -3.87 52.32 -18.15
CA GLY E 239 -4.89 52.34 -19.19
C GLY E 239 -4.94 53.67 -19.92
N ARG E 240 -4.87 53.62 -21.23
CA ARG E 240 -5.00 54.84 -22.03
C ARG E 240 -6.46 55.32 -22.01
N ALA E 241 -6.71 56.40 -22.73
CA ALA E 241 -8.06 56.94 -22.86
C ALA E 241 -8.55 57.02 -24.30
N ASP E 242 -7.66 57.27 -25.26
CA ASP E 242 -8.05 57.42 -26.67
C ASP E 242 -6.82 57.28 -27.57
#